data_2XGF
#
_entry.id   2XGF
#
_cell.length_a   157.340
_cell.length_b   53.980
_cell.length_c   112.750
_cell.angle_alpha   90.00
_cell.angle_beta   100.43
_cell.angle_gamma   90.00
#
_symmetry.space_group_name_H-M   'C 1 2 1'
#
loop_
_entity.id
_entity.type
_entity.pdbx_description
1 polymer 'LONG TAIL FIBER PROTEIN P37'
2 non-polymer 'FE (II) ION'
3 non-polymer 'CARBONATE ION'
4 water water
#
_entity_poly.entity_id   1
_entity_poly.type   'polypeptide(L)'
_entity_poly.pdbx_seq_one_letter_code
;TGNITGGSGNFANLNSTIESLKTDIMSSYPIGAPIPWPSDSVPAGFALMEGQTFDKSAYPKLAVAYPSGVIPDMRGQTIK
GKPSGRAVLSAEADGVKAHSHSASASSTDLGTKTTSSFDYGTKGTNSTGGHTHSGSGSTSTNGEHSHYIEAWNGTGVGGN
KMSSYAISYRAGGSNTNAAGNHSHTFSFGTSSAGDHSHSVGIGAHTHTVAIGSHGHTITVNSTGNTENTVKNIAFNYIVR
LA
;
_entity_poly.pdbx_strand_id   A,B,C
#
loop_
_chem_comp.id
_chem_comp.type
_chem_comp.name
_chem_comp.formula
CO3 non-polymer 'CARBONATE ION' 'C O3 -2'
FE2 non-polymer 'FE (II) ION' 'Fe 2'
#
# COMPACT_ATOMS: atom_id res chain seq x y z
N SER A 27 -83.72 -6.52 16.57
CA SER A 27 -82.96 -5.46 17.32
C SER A 27 -82.07 -4.70 16.35
N SER A 28 -81.86 -3.42 16.62
CA SER A 28 -81.00 -2.57 15.78
C SER A 28 -79.50 -2.86 16.00
N TYR A 29 -79.16 -3.45 17.15
CA TYR A 29 -77.79 -3.96 17.37
C TYR A 29 -77.85 -5.36 18.00
N PRO A 30 -77.63 -6.39 17.17
CA PRO A 30 -77.84 -7.78 17.58
C PRO A 30 -76.97 -8.28 18.76
N ILE A 31 -77.55 -9.14 19.60
CA ILE A 31 -76.91 -9.73 20.77
C ILE A 31 -75.70 -10.55 20.34
N GLY A 32 -74.55 -10.23 20.92
CA GLY A 32 -73.32 -10.91 20.55
C GLY A 32 -72.34 -10.01 19.86
N ALA A 33 -72.84 -8.99 19.16
CA ALA A 33 -71.94 -8.01 18.56
C ALA A 33 -71.20 -7.17 19.63
N PRO A 34 -69.88 -6.97 19.44
CA PRO A 34 -69.12 -6.29 20.50
C PRO A 34 -69.40 -4.80 20.51
N ILE A 35 -69.52 -4.22 21.70
CA ILE A 35 -69.81 -2.81 21.91
C ILE A 35 -68.64 -2.10 22.61
N PRO A 36 -68.16 -1.00 22.01
CA PRO A 36 -67.07 -0.28 22.66
C PRO A 36 -67.59 0.66 23.76
N TRP A 37 -67.24 0.37 25.02
CA TRP A 37 -67.78 1.08 26.16
C TRP A 37 -66.70 1.96 26.85
N PRO A 38 -67.01 3.25 27.09
CA PRO A 38 -65.97 4.21 27.48
C PRO A 38 -65.69 4.35 28.97
N SER A 39 -66.25 3.45 29.76
CA SER A 39 -66.14 3.57 31.20
C SER A 39 -65.74 2.23 31.78
N ASP A 40 -65.06 2.22 32.93
CA ASP A 40 -64.78 0.95 33.65
C ASP A 40 -66.00 0.40 34.41
N SER A 41 -67.07 1.20 34.52
CA SER A 41 -68.37 0.76 35.08
C SER A 41 -69.24 0.12 34.00
N VAL A 42 -69.35 -1.20 34.03
CA VAL A 42 -70.11 -1.95 33.03
C VAL A 42 -71.62 -2.00 33.36
N PRO A 43 -72.49 -1.53 32.44
CA PRO A 43 -73.95 -1.49 32.65
C PRO A 43 -74.54 -2.86 32.92
N ALA A 44 -75.63 -2.90 33.68
CA ALA A 44 -76.39 -4.12 34.00
C ALA A 44 -76.87 -4.80 32.73
N GLY A 45 -76.75 -6.13 32.68
CA GLY A 45 -77.10 -6.89 31.47
C GLY A 45 -75.97 -7.16 30.47
N PHE A 46 -74.80 -6.54 30.67
CA PHE A 46 -73.65 -6.65 29.76
C PHE A 46 -72.49 -7.33 30.51
N ALA A 47 -71.48 -7.82 29.76
CA ALA A 47 -70.29 -8.44 30.32
C ALA A 47 -69.04 -8.01 29.54
N LEU A 48 -67.91 -7.86 30.23
CA LEU A 48 -66.64 -7.57 29.53
C LEU A 48 -66.31 -8.74 28.66
N MET A 49 -65.76 -8.50 27.48
CA MET A 49 -65.37 -9.60 26.59
C MET A 49 -63.94 -10.03 26.90
N GLU A 50 -63.81 -11.13 27.64
CA GLU A 50 -62.53 -11.49 28.24
C GLU A 50 -62.14 -12.93 28.04
N GLY A 51 -62.80 -13.61 27.12
CA GLY A 51 -62.41 -14.98 26.78
C GLY A 51 -63.08 -16.05 27.64
N GLN A 52 -64.11 -15.65 28.40
CA GLN A 52 -64.78 -16.52 29.37
C GLN A 52 -65.87 -17.43 28.76
N THR A 53 -66.11 -18.57 29.41
CA THR A 53 -67.22 -19.44 28.98
C THR A 53 -68.57 -18.86 29.47
N PHE A 54 -69.65 -19.26 28.80
CA PHE A 54 -71.00 -19.00 29.30
C PHE A 54 -71.87 -20.25 29.05
N ASP A 55 -73.00 -20.31 29.75
CA ASP A 55 -73.95 -21.42 29.61
C ASP A 55 -74.87 -21.16 28.38
N LYS A 56 -74.73 -22.00 27.35
CA LYS A 56 -75.50 -21.83 26.12
C LYS A 56 -77.02 -21.96 26.34
N SER A 57 -77.43 -22.83 27.26
CA SER A 57 -78.86 -22.94 27.61
C SER A 57 -79.40 -21.67 28.24
N ALA A 58 -78.61 -21.06 29.13
CA ALA A 58 -79.02 -19.86 29.85
C ALA A 58 -79.05 -18.58 28.99
N TYR A 59 -78.22 -18.54 27.94
CA TYR A 59 -78.13 -17.37 27.04
C TYR A 59 -78.28 -17.80 25.59
N PRO A 60 -79.51 -18.24 25.19
CA PRO A 60 -79.77 -18.83 23.89
C PRO A 60 -79.41 -17.89 22.74
N LYS A 61 -79.70 -16.61 22.88
CA LYS A 61 -79.36 -15.65 21.82
C LYS A 61 -77.87 -15.32 21.69
N LEU A 62 -77.15 -15.32 22.81
CA LEU A 62 -75.72 -15.13 22.78
C LEU A 62 -75.07 -16.38 22.19
N ALA A 63 -75.70 -17.54 22.37
CA ALA A 63 -75.19 -18.81 21.83
C ALA A 63 -75.36 -18.91 20.33
N VAL A 64 -76.30 -18.17 19.77
CA VAL A 64 -76.42 -18.04 18.31
C VAL A 64 -75.15 -17.34 17.77
N ALA A 65 -74.79 -16.20 18.38
CA ALA A 65 -73.54 -15.51 18.06
C ALA A 65 -72.27 -16.33 18.43
N TYR A 66 -72.24 -17.05 19.55
CA TYR A 66 -71.02 -17.78 19.92
C TYR A 66 -71.29 -19.24 20.19
N PRO A 67 -71.42 -20.05 19.11
CA PRO A 67 -71.74 -21.46 19.31
C PRO A 67 -70.72 -22.27 20.11
N SER A 68 -69.46 -21.82 20.17
CA SER A 68 -68.48 -22.43 21.06
C SER A 68 -68.80 -22.24 22.56
N GLY A 69 -69.69 -21.29 22.89
CA GLY A 69 -69.98 -20.94 24.28
C GLY A 69 -68.84 -20.19 24.95
N VAL A 70 -67.96 -19.58 24.15
CA VAL A 70 -66.86 -18.76 24.62
C VAL A 70 -66.99 -17.35 24.03
N ILE A 71 -67.00 -16.34 24.89
CA ILE A 71 -66.91 -14.93 24.49
C ILE A 71 -65.42 -14.56 24.23
N PRO A 72 -65.11 -14.08 23.02
CA PRO A 72 -63.70 -13.78 22.64
C PRO A 72 -63.04 -12.76 23.58
N ASP A 73 -61.73 -12.93 23.80
CA ASP A 73 -60.97 -12.01 24.62
C ASP A 73 -60.60 -10.81 23.74
N MET A 74 -61.16 -9.65 24.03
CA MET A 74 -60.98 -8.47 23.16
C MET A 74 -59.96 -7.46 23.71
N ARG A 75 -59.35 -7.79 24.84
CA ARG A 75 -58.37 -6.93 25.52
C ARG A 75 -57.10 -6.83 24.67
N GLY A 76 -56.69 -5.60 24.34
CA GLY A 76 -55.57 -5.35 23.42
C GLY A 76 -55.89 -5.57 21.94
N GLN A 77 -57.13 -5.92 21.61
CA GLN A 77 -57.48 -6.24 20.22
C GLN A 77 -58.17 -5.07 19.52
N THR A 78 -57.94 -4.98 18.21
CA THR A 78 -58.71 -4.15 17.28
C THR A 78 -59.64 -5.06 16.42
N ILE A 79 -60.80 -4.57 16.00
CA ILE A 79 -61.65 -5.33 15.08
C ILE A 79 -61.21 -5.09 13.61
N LYS A 80 -61.13 -6.17 12.82
CA LYS A 80 -60.83 -6.08 11.40
C LYS A 80 -61.90 -6.89 10.62
N GLY A 81 -62.43 -6.34 9.52
CA GLY A 81 -63.39 -7.06 8.71
C GLY A 81 -62.78 -8.29 8.08
N LYS A 82 -63.44 -9.45 8.22
CA LYS A 82 -62.86 -10.73 7.83
C LYS A 82 -62.59 -10.85 6.31
N PRO A 83 -61.32 -11.00 5.90
CA PRO A 83 -61.11 -11.21 4.47
C PRO A 83 -61.24 -12.70 4.06
N SER A 84 -61.41 -12.95 2.76
CA SER A 84 -61.28 -14.30 2.18
C SER A 84 -59.96 -14.89 2.68
N GLY A 85 -59.96 -16.17 3.06
CA GLY A 85 -58.70 -16.79 3.52
C GLY A 85 -58.46 -16.76 5.02
N ARG A 86 -59.32 -16.06 5.76
CA ARG A 86 -59.24 -16.00 7.20
C ARG A 86 -60.59 -16.43 7.80
N ALA A 87 -60.54 -17.15 8.91
CA ALA A 87 -61.76 -17.62 9.58
C ALA A 87 -62.30 -16.57 10.56
N VAL A 88 -63.61 -16.55 10.78
CA VAL A 88 -64.21 -15.56 11.69
C VAL A 88 -63.71 -15.85 13.14
N LEU A 89 -63.45 -14.78 13.89
CA LEU A 89 -62.86 -14.83 15.24
C LEU A 89 -61.40 -15.33 15.33
N SER A 90 -60.75 -15.52 14.17
CA SER A 90 -59.32 -15.82 14.10
C SER A 90 -58.50 -14.59 14.57
N ALA A 91 -57.37 -14.86 15.25
CA ALA A 91 -56.45 -13.81 15.70
C ALA A 91 -55.27 -13.70 14.74
N GLU A 92 -54.75 -12.48 14.66
CA GLU A 92 -53.63 -12.12 13.82
C GLU A 92 -52.72 -11.26 14.71
N ALA A 93 -51.43 -11.56 14.70
CA ALA A 93 -50.43 -10.76 15.43
C ALA A 93 -50.11 -9.42 14.71
N ASP A 94 -49.53 -8.50 15.48
CA ASP A 94 -48.98 -7.26 14.89
C ASP A 94 -47.68 -7.63 14.20
N GLY A 95 -47.39 -6.95 13.10
CA GLY A 95 -46.23 -7.25 12.31
C GLY A 95 -45.95 -6.09 11.39
N VAL A 96 -44.67 -5.78 11.27
CA VAL A 96 -44.27 -4.66 10.41
C VAL A 96 -44.34 -5.07 8.94
N LYS A 97 -44.73 -4.14 8.07
CA LYS A 97 -44.74 -4.37 6.64
C LYS A 97 -43.31 -4.47 6.08
N ALA A 98 -43.11 -5.38 5.12
CA ALA A 98 -41.86 -5.54 4.34
C ALA A 98 -41.35 -4.21 3.77
N HIS A 99 -40.08 -3.93 3.99
CA HIS A 99 -39.49 -2.66 3.62
C HIS A 99 -38.01 -2.85 3.79
N SER A 100 -37.23 -2.03 3.11
CA SER A 100 -35.79 -1.98 3.40
C SER A 100 -35.39 -0.54 3.50
N HIS A 101 -34.09 -0.29 3.40
CA HIS A 101 -33.52 1.03 3.59
C HIS A 101 -32.36 1.21 2.62
N SER A 102 -32.17 2.43 2.12
CA SER A 102 -30.89 2.73 1.47
C SER A 102 -29.82 2.97 2.56
N ALA A 103 -28.55 2.77 2.22
CA ALA A 103 -27.46 2.85 3.17
C ALA A 103 -26.11 3.15 2.48
N SER A 104 -25.18 3.70 3.22
CA SER A 104 -23.91 4.04 2.62
C SER A 104 -22.82 3.99 3.67
N ALA A 105 -21.59 3.90 3.20
CA ALA A 105 -20.44 3.84 4.08
C ALA A 105 -19.51 5.01 3.77
N SER A 106 -18.91 5.54 4.81
CA SER A 106 -17.94 6.60 4.69
C SER A 106 -16.68 6.03 4.03
N SER A 107 -16.09 6.82 3.15
CA SER A 107 -14.75 6.60 2.65
C SER A 107 -13.72 6.68 3.81
N THR A 108 -12.75 5.77 3.83
CA THR A 108 -11.74 5.77 4.88
C THR A 108 -10.34 5.88 4.23
N ASP A 109 -9.51 6.81 4.71
CA ASP A 109 -8.12 6.93 4.23
C ASP A 109 -7.22 6.09 5.13
N LEU A 110 -6.50 5.15 4.53
CA LEU A 110 -5.66 4.25 5.31
C LEU A 110 -4.29 4.81 5.71
N GLY A 111 -3.94 5.97 5.17
CA GLY A 111 -2.66 6.64 5.52
C GLY A 111 -1.41 6.10 4.84
N THR A 112 -0.26 6.53 5.36
CA THR A 112 1.06 6.09 4.90
C THR A 112 1.64 5.05 5.85
N LYS A 113 2.26 4.02 5.29
CA LYS A 113 2.91 2.91 6.03
C LYS A 113 4.43 2.89 5.73
N THR A 114 5.24 2.38 6.67
CA THR A 114 6.69 2.18 6.42
C THR A 114 7.01 0.71 6.20
N THR A 115 7.85 0.40 5.19
CA THR A 115 8.26 -0.99 4.91
C THR A 115 9.31 -1.48 5.90
N SER A 116 9.55 -2.79 5.89
CA SER A 116 10.73 -3.33 6.56
C SER A 116 12.03 -2.74 5.95
N SER A 117 13.12 -2.83 6.70
CA SER A 117 14.43 -2.42 6.21
C SER A 117 15.13 -3.53 5.41
N PHE A 118 15.64 -3.21 4.23
CA PHE A 118 16.56 -4.13 3.53
C PHE A 118 17.99 -3.61 3.52
N ASP A 119 18.94 -4.47 3.87
CA ASP A 119 20.37 -4.10 3.92
C ASP A 119 21.21 -4.87 2.90
N TYR A 120 21.76 -4.13 1.93
CA TYR A 120 22.70 -4.67 0.93
C TYR A 120 24.11 -4.88 1.50
N GLY A 121 24.39 -4.27 2.64
CA GLY A 121 25.69 -4.44 3.27
C GLY A 121 26.82 -3.94 2.40
N THR A 122 27.86 -4.77 2.28
CA THR A 122 29.06 -4.41 1.52
C THR A 122 29.21 -5.42 0.38
N LYS A 123 29.45 -4.90 -0.82
CA LYS A 123 29.68 -5.72 -2.01
C LYS A 123 31.14 -5.68 -2.48
N GLY A 124 31.60 -6.77 -3.10
CA GLY A 124 32.94 -6.82 -3.69
C GLY A 124 32.89 -6.50 -5.18
N THR A 125 33.97 -5.95 -5.70
CA THR A 125 34.12 -5.78 -7.16
C THR A 125 34.74 -7.04 -7.81
N ASN A 126 34.77 -7.10 -9.13
CA ASN A 126 35.65 -8.07 -9.81
C ASN A 126 37.14 -7.67 -9.70
N SER A 127 38.02 -8.65 -9.84
CA SER A 127 39.47 -8.45 -9.87
C SER A 127 39.91 -8.03 -11.25
N THR A 128 40.50 -6.85 -11.38
CA THR A 128 41.11 -6.45 -12.65
C THR A 128 42.40 -5.61 -12.42
N GLY A 129 43.00 -5.09 -13.49
CA GLY A 129 44.07 -4.12 -13.35
C GLY A 129 45.52 -4.57 -13.55
N GLY A 130 45.76 -5.88 -13.75
CA GLY A 130 47.08 -6.40 -14.15
C GLY A 130 47.63 -5.69 -15.37
N HIS A 131 48.92 -5.33 -15.34
CA HIS A 131 49.52 -4.49 -16.39
C HIS A 131 51.05 -4.46 -16.26
N THR A 132 51.69 -3.96 -17.32
CA THR A 132 53.12 -3.69 -17.33
C THR A 132 53.36 -2.24 -17.73
N HIS A 133 54.59 -1.77 -17.55
CA HIS A 133 55.00 -0.47 -18.06
C HIS A 133 56.18 -0.66 -19.04
N SER A 134 56.52 0.41 -19.76
CA SER A 134 57.74 0.42 -20.55
C SER A 134 58.63 1.56 -20.06
N GLY A 135 59.92 1.47 -20.36
CA GLY A 135 60.85 2.50 -19.90
C GLY A 135 62.12 2.49 -20.73
N SER A 136 62.77 3.65 -20.78
CA SER A 136 64.06 3.78 -21.43
C SER A 136 64.80 4.93 -20.76
N GLY A 137 66.08 5.11 -21.11
CA GLY A 137 66.89 6.18 -20.53
C GLY A 137 68.37 6.04 -20.90
N SER A 138 69.19 6.83 -20.21
CA SER A 138 70.65 6.78 -20.33
C SER A 138 71.24 6.54 -18.94
N THR A 139 72.33 5.76 -18.88
CA THR A 139 73.11 5.63 -17.64
C THR A 139 73.95 6.89 -17.41
N SER A 140 74.55 7.01 -16.22
CA SER A 140 75.58 8.01 -15.96
C SER A 140 76.83 7.83 -16.86
N THR A 141 77.75 8.79 -16.78
CA THR A 141 78.98 8.76 -17.56
C THR A 141 80.10 8.32 -16.63
N ASN A 142 80.82 7.26 -17.02
CA ASN A 142 81.90 6.66 -16.21
C ASN A 142 82.88 5.92 -17.12
N GLY A 143 83.93 5.36 -16.51
CA GLY A 143 84.83 4.46 -17.21
C GLY A 143 86.18 5.03 -17.60
N GLU A 144 86.49 6.22 -17.09
CA GLU A 144 87.76 6.88 -17.36
C GLU A 144 88.88 6.04 -16.76
N HIS A 145 89.90 5.76 -17.56
CA HIS A 145 90.99 4.87 -17.12
C HIS A 145 92.26 5.09 -17.96
N SER A 146 93.37 4.54 -17.51
CA SER A 146 94.55 4.38 -18.37
C SER A 146 95.13 2.97 -18.21
N HIS A 147 96.08 2.60 -19.07
CA HIS A 147 96.74 1.29 -19.05
C HIS A 147 98.25 1.44 -18.86
N TYR A 148 98.87 0.46 -18.22
CA TYR A 148 100.32 0.36 -18.10
C TYR A 148 100.87 -0.35 -19.35
N ILE A 149 102.05 0.08 -19.80
CA ILE A 149 102.77 -0.51 -20.94
C ILE A 149 104.19 -0.90 -20.53
N GLU A 150 104.57 -2.14 -20.78
CA GLU A 150 105.91 -2.59 -20.41
C GLU A 150 106.90 -1.93 -21.37
N ALA A 151 108.01 -1.46 -20.82
CA ALA A 151 109.08 -0.85 -21.57
C ALA A 151 110.26 -1.77 -21.59
N TRP A 152 111.02 -1.68 -22.67
CA TRP A 152 112.17 -2.51 -22.94
C TRP A 152 113.30 -1.59 -23.42
N ASN A 153 114.52 -2.10 -23.36
CA ASN A 153 115.70 -1.36 -23.78
C ASN A 153 116.83 -2.33 -24.13
N GLY A 154 117.89 -1.81 -24.75
CA GLY A 154 119.10 -2.58 -25.06
C GLY A 154 119.16 -2.97 -26.52
N THR A 155 120.14 -2.42 -27.25
CA THR A 155 120.28 -2.69 -28.71
C THR A 155 120.61 -4.15 -28.99
N GLY A 156 120.34 -4.59 -30.22
CA GLY A 156 120.58 -5.97 -30.62
C GLY A 156 119.31 -6.68 -31.08
N VAL A 157 118.17 -6.31 -30.47
CA VAL A 157 116.85 -6.89 -30.73
C VAL A 157 115.88 -5.74 -31.01
N GLY A 158 115.02 -5.90 -32.00
CA GLY A 158 114.04 -4.89 -32.34
C GLY A 158 112.73 -5.56 -32.70
N GLY A 159 111.67 -4.76 -32.78
CA GLY A 159 110.38 -5.23 -33.28
C GLY A 159 109.32 -5.41 -32.20
N ASN A 160 108.06 -5.15 -32.53
CA ASN A 160 106.92 -5.47 -31.63
C ASN A 160 106.76 -4.69 -30.33
N LYS A 161 107.75 -4.73 -29.45
CA LYS A 161 107.63 -4.18 -28.10
C LYS A 161 107.92 -2.68 -28.02
N MET A 162 107.47 -2.01 -26.95
CA MET A 162 107.78 -0.60 -26.78
C MET A 162 109.20 -0.46 -26.26
N SER A 163 109.98 0.30 -27.01
CA SER A 163 111.33 0.64 -26.66
C SER A 163 111.35 1.96 -25.93
N SER A 164 112.24 2.07 -24.94
CA SER A 164 112.51 3.30 -24.24
C SER A 164 113.97 3.72 -24.42
N TYR A 165 114.55 3.33 -25.55
CA TYR A 165 115.92 3.66 -25.95
C TYR A 165 116.39 5.13 -25.75
N ALA A 166 115.62 6.08 -26.30
CA ALA A 166 115.97 7.50 -26.32
C ALA A 166 114.80 8.37 -25.86
N ILE A 167 114.86 8.84 -24.62
CA ILE A 167 113.74 9.55 -23.98
C ILE A 167 114.08 10.93 -23.35
N SER A 168 115.20 11.55 -23.74
CA SER A 168 115.61 12.86 -23.22
C SER A 168 114.56 13.96 -23.23
N TYR A 169 113.88 14.19 -24.35
CA TYR A 169 112.89 15.28 -24.46
C TYR A 169 111.57 14.85 -25.11
N ARG A 170 110.46 15.55 -24.81
CA ARG A 170 109.16 15.28 -25.44
C ARG A 170 109.25 15.36 -26.95
N ALA A 171 108.57 14.45 -27.65
CA ALA A 171 108.53 14.46 -29.11
C ALA A 171 107.13 14.01 -29.54
N GLY A 172 106.11 14.73 -29.07
CA GLY A 172 104.73 14.50 -29.52
C GLY A 172 104.09 13.30 -28.89
N GLY A 173 103.43 12.49 -29.71
CA GLY A 173 102.70 11.35 -29.18
C GLY A 173 101.81 10.70 -30.22
N SER A 174 101.15 9.60 -29.85
CA SER A 174 100.26 8.90 -30.76
C SER A 174 99.29 8.00 -30.01
N ASN A 175 98.36 7.42 -30.75
CA ASN A 175 97.29 6.61 -30.17
C ASN A 175 97.48 5.10 -30.25
N THR A 176 97.00 4.42 -29.21
CA THR A 176 96.74 3.01 -29.29
C THR A 176 95.70 2.80 -30.39
N ASN A 177 95.55 1.56 -30.84
CA ASN A 177 94.36 1.22 -31.60
C ASN A 177 93.13 1.21 -30.67
N ALA A 178 91.96 1.24 -31.28
CA ALA A 178 90.69 1.31 -30.56
C ALA A 178 90.34 -0.05 -29.96
N ALA A 179 89.62 -0.01 -28.85
CA ALA A 179 89.14 -1.21 -28.15
C ALA A 179 88.09 -0.80 -27.12
N GLY A 180 87.50 -1.80 -26.46
CA GLY A 180 86.63 -1.57 -25.32
C GLY A 180 85.10 -1.51 -25.46
N ASN A 181 84.56 -1.93 -26.60
CA ASN A 181 83.10 -2.06 -26.74
C ASN A 181 82.61 -3.13 -25.77
N HIS A 182 81.53 -2.82 -25.06
CA HIS A 182 81.01 -3.73 -24.03
C HIS A 182 79.58 -3.26 -23.67
N SER A 183 78.86 -4.10 -22.92
CA SER A 183 77.57 -3.68 -22.36
C SER A 183 77.56 -4.13 -20.93
N HIS A 184 76.50 -3.75 -20.21
CA HIS A 184 76.27 -4.21 -18.84
C HIS A 184 74.85 -4.76 -18.67
N THR A 185 74.61 -5.52 -17.61
CA THR A 185 73.26 -5.95 -17.25
C THR A 185 72.74 -5.01 -16.18
N PHE A 186 71.42 -4.92 -16.09
CA PHE A 186 70.77 -4.13 -15.06
C PHE A 186 69.60 -4.91 -14.51
N SER A 187 69.23 -4.58 -13.28
CA SER A 187 68.16 -5.25 -12.54
C SER A 187 67.59 -4.24 -11.56
N PHE A 188 66.26 -4.21 -11.44
CA PHE A 188 65.62 -3.31 -10.49
C PHE A 188 64.22 -3.76 -10.05
N GLY A 189 63.83 -3.31 -8.85
CA GLY A 189 62.44 -3.22 -8.44
C GLY A 189 62.06 -1.75 -8.48
N THR A 190 60.81 -1.46 -8.80
CA THR A 190 60.34 -0.08 -8.89
C THR A 190 59.85 0.42 -7.52
N SER A 191 59.71 1.74 -7.40
CA SER A 191 58.91 2.36 -6.31
C SER A 191 57.46 1.84 -6.32
N SER A 192 56.82 1.82 -5.15
CA SER A 192 55.41 1.43 -5.02
C SER A 192 54.45 2.57 -5.44
N ALA A 193 53.46 2.23 -6.28
CA ALA A 193 52.47 3.19 -6.77
C ALA A 193 51.17 2.46 -7.14
N GLY A 194 50.13 3.22 -7.46
CA GLY A 194 48.88 2.68 -7.96
C GLY A 194 47.70 2.67 -6.98
N ASP A 195 47.89 3.20 -5.77
CA ASP A 195 46.85 3.24 -4.71
C ASP A 195 45.74 4.18 -5.17
N HIS A 196 44.49 3.69 -5.14
CA HIS A 196 43.34 4.39 -5.76
C HIS A 196 41.96 3.85 -5.34
N SER A 197 40.94 4.65 -5.61
CA SER A 197 39.56 4.24 -5.40
C SER A 197 38.67 4.67 -6.55
N HIS A 198 37.47 4.11 -6.57
CA HIS A 198 36.50 4.38 -7.62
C HIS A 198 35.18 4.90 -7.05
N SER A 199 34.39 5.52 -7.91
CA SER A 199 33.00 5.81 -7.58
C SER A 199 32.13 4.77 -8.31
N VAL A 200 30.98 4.45 -7.74
CA VAL A 200 29.97 3.62 -8.43
C VAL A 200 28.57 4.25 -8.27
N GLY A 201 27.99 4.65 -9.40
CA GLY A 201 26.65 5.24 -9.41
C GLY A 201 25.62 4.13 -9.26
N ILE A 202 24.78 4.22 -8.23
CA ILE A 202 23.79 3.16 -7.95
C ILE A 202 22.37 3.64 -8.32
N GLY A 203 21.99 4.80 -7.80
CA GLY A 203 20.74 5.41 -8.16
C GLY A 203 19.57 5.02 -7.29
N ALA A 204 18.37 5.31 -7.80
CA ALA A 204 17.14 5.28 -7.02
C ALA A 204 16.20 4.21 -7.52
N HIS A 205 15.20 3.86 -6.71
CA HIS A 205 14.19 2.86 -7.11
C HIS A 205 12.93 3.00 -6.25
N THR A 206 11.82 2.43 -6.74
CA THR A 206 10.55 2.30 -6.01
C THR A 206 10.14 0.85 -6.21
N HIS A 207 9.12 0.42 -5.47
CA HIS A 207 8.47 -0.89 -5.65
C HIS A 207 6.98 -0.65 -5.75
N THR A 208 6.28 -1.62 -6.33
CA THR A 208 4.83 -1.70 -6.20
C THR A 208 4.41 -2.68 -5.08
N VAL A 209 3.19 -2.51 -4.57
CA VAL A 209 2.64 -3.45 -3.59
C VAL A 209 1.13 -3.68 -3.81
N ALA A 210 0.77 -4.91 -4.18
CA ALA A 210 -0.62 -5.30 -4.40
C ALA A 210 -1.36 -5.46 -3.07
N ILE A 211 -2.42 -4.68 -2.87
CA ILE A 211 -3.17 -4.78 -1.63
C ILE A 211 -4.26 -5.87 -1.73
N GLY A 212 -4.89 -6.04 -2.90
CA GLY A 212 -6.00 -6.99 -3.04
C GLY A 212 -7.34 -6.55 -2.43
N SER A 213 -8.19 -7.52 -2.14
CA SER A 213 -9.60 -7.31 -1.75
C SER A 213 -9.95 -7.52 -0.28
N HIS A 214 -10.97 -6.78 0.16
CA HIS A 214 -11.51 -7.01 1.50
C HIS A 214 -12.96 -6.51 1.62
N GLY A 215 -13.63 -7.06 2.63
CA GLY A 215 -14.96 -6.63 3.04
C GLY A 215 -15.04 -6.33 4.53
N HIS A 216 -16.27 -6.17 5.03
CA HIS A 216 -16.56 -6.00 6.45
C HIS A 216 -17.94 -6.60 6.73
N THR A 217 -18.15 -7.01 7.97
CA THR A 217 -19.44 -7.46 8.49
C THR A 217 -20.24 -6.23 8.95
N ILE A 218 -21.49 -6.12 8.47
CA ILE A 218 -22.40 -5.02 8.78
C ILE A 218 -23.50 -5.50 9.72
N THR A 219 -23.69 -4.78 10.83
CA THR A 219 -24.73 -5.05 11.80
C THR A 219 -25.68 -3.87 11.85
N VAL A 220 -26.95 -4.14 11.57
CA VAL A 220 -27.99 -3.12 11.64
C VAL A 220 -28.74 -3.32 12.96
N ASN A 221 -28.81 -2.30 13.80
CA ASN A 221 -29.49 -2.46 15.09
C ASN A 221 -31.01 -2.31 15.03
N SER A 222 -31.65 -2.85 16.05
CA SER A 222 -33.09 -2.79 16.17
C SER A 222 -33.63 -1.35 16.36
N THR A 223 -34.78 -1.09 15.76
CA THR A 223 -35.53 0.14 15.96
C THR A 223 -36.98 -0.22 16.14
N GLY A 224 -37.61 0.33 17.18
CA GLY A 224 -39.05 0.26 17.33
C GLY A 224 -39.54 -0.15 18.70
N ASN A 225 -40.85 -0.23 18.85
CA ASN A 225 -41.46 -0.58 20.12
C ASN A 225 -41.79 -2.07 20.25
N THR A 226 -42.14 -2.48 21.45
CA THR A 226 -42.62 -3.84 21.70
C THR A 226 -43.78 -4.23 20.74
N GLU A 227 -44.73 -3.31 20.53
CA GLU A 227 -45.82 -3.54 19.57
C GLU A 227 -45.77 -2.64 18.35
N ASN A 228 -46.33 -3.15 17.23
CA ASN A 228 -46.74 -2.33 16.06
C ASN A 228 -48.09 -1.69 16.38
N THR A 229 -48.20 -0.36 16.31
CA THR A 229 -49.45 0.31 16.65
C THR A 229 -49.83 1.39 15.64
N VAL A 230 -51.12 1.72 15.65
CA VAL A 230 -51.64 2.90 14.96
C VAL A 230 -52.23 3.79 16.07
N LYS A 231 -52.55 5.03 15.75
CA LYS A 231 -53.23 5.91 16.71
C LYS A 231 -54.56 5.29 17.15
N ASN A 232 -54.75 5.16 18.47
CA ASN A 232 -55.90 4.44 19.00
C ASN A 232 -56.36 5.03 20.33
N ILE A 233 -57.63 4.88 20.67
CA ILE A 233 -58.17 5.24 21.99
C ILE A 233 -58.68 3.94 22.59
N ALA A 234 -58.41 3.74 23.88
CA ALA A 234 -58.83 2.53 24.59
C ALA A 234 -60.28 2.58 25.07
N PHE A 235 -61.06 1.55 24.66
CA PHE A 235 -62.43 1.30 25.15
C PHE A 235 -62.52 -0.12 25.70
N ASN A 236 -63.44 -0.33 26.63
CA ASN A 236 -63.79 -1.67 27.08
C ASN A 236 -64.83 -2.29 26.16
N TYR A 237 -64.46 -3.36 25.47
CA TYR A 237 -65.42 -4.13 24.70
C TYR A 237 -66.35 -4.95 25.62
N ILE A 238 -67.64 -4.66 25.48
CA ILE A 238 -68.67 -5.36 26.20
C ILE A 238 -69.66 -6.02 25.23
N VAL A 239 -70.45 -6.93 25.75
CA VAL A 239 -71.44 -7.64 24.96
C VAL A 239 -72.71 -7.77 25.80
N ARG A 240 -73.85 -7.56 25.15
CA ARG A 240 -75.16 -7.79 25.76
C ARG A 240 -75.41 -9.29 25.94
N LEU A 241 -75.75 -9.71 27.18
CA LEU A 241 -76.03 -11.13 27.47
C LEU A 241 -77.39 -11.62 26.93
N ALA A 242 -78.45 -10.84 27.14
CA ALA A 242 -79.79 -11.25 26.72
C ALA A 242 -80.67 -10.02 26.39
N SER B 27 -81.53 -0.89 26.61
CA SER B 27 -81.01 -0.47 25.25
C SER B 27 -80.13 -1.54 24.60
N SER B 28 -80.24 -1.68 23.28
CA SER B 28 -79.38 -2.62 22.56
C SER B 28 -78.00 -2.00 22.24
N TYR B 29 -77.95 -0.66 22.20
CA TYR B 29 -76.68 0.05 22.06
C TYR B 29 -76.66 1.24 23.03
N PRO B 30 -76.05 1.06 24.22
CA PRO B 30 -76.17 2.09 25.27
C PRO B 30 -75.57 3.46 24.88
N ILE B 31 -76.20 4.52 25.40
CA ILE B 31 -75.82 5.90 25.13
C ILE B 31 -74.37 6.13 25.57
N GLY B 32 -73.60 6.77 24.71
CA GLY B 32 -72.15 6.94 24.98
C GLY B 32 -71.25 6.02 24.19
N ALA B 33 -71.70 4.81 23.86
CA ALA B 33 -70.92 3.96 22.93
C ALA B 33 -70.74 4.66 21.56
N PRO B 34 -69.50 4.71 21.03
CA PRO B 34 -69.22 5.33 19.72
C PRO B 34 -69.87 4.62 18.51
N ILE B 35 -70.44 5.40 17.62
CA ILE B 35 -71.11 4.83 16.46
C ILE B 35 -70.39 5.29 15.22
N PRO B 36 -69.87 4.34 14.42
CA PRO B 36 -69.21 4.74 13.19
C PRO B 36 -70.27 5.09 12.13
N TRP B 37 -70.27 6.34 11.65
CA TRP B 37 -71.33 6.84 10.78
C TRP B 37 -70.81 7.21 9.38
N PRO B 38 -71.49 6.74 8.31
CA PRO B 38 -70.92 6.79 6.96
C PRO B 38 -71.15 8.08 6.20
N SER B 39 -71.83 9.04 6.81
CA SER B 39 -72.13 10.28 6.13
C SER B 39 -71.64 11.48 6.92
N ASP B 40 -71.39 12.59 6.22
CA ASP B 40 -71.08 13.88 6.85
C ASP B 40 -72.32 14.63 7.44
N SER B 41 -73.53 14.14 7.16
CA SER B 41 -74.77 14.64 7.78
C SER B 41 -75.11 13.81 8.99
N VAL B 42 -74.99 14.43 10.16
CA VAL B 42 -75.20 13.74 11.42
C VAL B 42 -76.68 13.81 11.84
N PRO B 43 -77.39 12.66 11.85
CA PRO B 43 -78.82 12.69 12.20
C PRO B 43 -79.10 13.36 13.55
N ALA B 44 -80.26 14.01 13.63
CA ALA B 44 -80.71 14.70 14.83
C ALA B 44 -80.74 13.72 16.02
N GLY B 45 -80.28 14.16 17.18
CA GLY B 45 -80.20 13.29 18.34
C GLY B 45 -78.82 12.69 18.56
N PHE B 46 -77.91 12.95 17.62
CA PHE B 46 -76.57 12.39 17.66
C PHE B 46 -75.58 13.52 17.51
N ALA B 47 -74.35 13.31 17.98
CA ALA B 47 -73.32 14.33 17.81
C ALA B 47 -71.99 13.71 17.42
N LEU B 48 -71.30 14.36 16.50
CA LEU B 48 -69.92 14.03 16.14
C LEU B 48 -68.99 14.04 17.39
N MET B 49 -68.14 13.00 17.52
CA MET B 49 -67.22 12.94 18.65
C MET B 49 -65.95 13.74 18.33
N GLU B 50 -65.88 14.97 18.85
CA GLU B 50 -64.86 15.95 18.46
C GLU B 50 -64.03 16.51 19.61
N GLY B 51 -64.16 15.98 20.81
CA GLY B 51 -63.44 16.54 21.95
C GLY B 51 -64.24 17.57 22.74
N GLN B 52 -65.50 17.80 22.34
CA GLN B 52 -66.30 18.88 22.90
C GLN B 52 -66.78 18.61 24.31
N THR B 53 -66.97 19.69 25.07
CA THR B 53 -67.64 19.61 26.38
C THR B 53 -69.14 19.58 26.11
N PHE B 54 -69.89 18.94 27.00
CA PHE B 54 -71.32 18.87 26.86
C PHE B 54 -71.97 19.15 28.21
N ASP B 55 -73.26 19.44 28.18
CA ASP B 55 -73.98 19.74 29.41
C ASP B 55 -74.51 18.46 30.08
N LYS B 56 -73.95 18.16 31.26
CA LYS B 56 -74.18 16.90 32.00
C LYS B 56 -75.56 16.82 32.67
N SER B 57 -76.15 17.97 32.93
CA SER B 57 -77.52 18.02 33.44
C SER B 57 -78.55 17.81 32.33
N ALA B 58 -78.33 18.44 31.16
CA ALA B 58 -79.18 18.19 29.97
C ALA B 58 -79.09 16.73 29.48
N TYR B 59 -77.90 16.12 29.57
CA TYR B 59 -77.62 14.79 29.01
C TYR B 59 -77.12 13.83 30.10
N PRO B 60 -77.99 13.47 31.06
CA PRO B 60 -77.45 12.70 32.18
C PRO B 60 -77.01 11.27 31.85
N LYS B 61 -77.65 10.63 30.88
CA LYS B 61 -77.24 9.28 30.47
C LYS B 61 -75.87 9.30 29.76
N LEU B 62 -75.62 10.36 28.98
CA LEU B 62 -74.29 10.60 28.41
C LEU B 62 -73.22 10.94 29.48
N ALA B 63 -73.63 11.62 30.55
CA ALA B 63 -72.75 11.91 31.68
C ALA B 63 -72.34 10.64 32.46
N VAL B 64 -73.18 9.62 32.44
CA VAL B 64 -72.85 8.31 33.05
C VAL B 64 -71.68 7.67 32.28
N ALA B 65 -71.76 7.69 30.95
CA ALA B 65 -70.69 7.18 30.08
C ALA B 65 -69.42 8.06 30.12
N TYR B 66 -69.61 9.38 30.22
CA TYR B 66 -68.48 10.33 30.18
C TYR B 66 -68.57 11.29 31.36
N PRO B 67 -68.19 10.80 32.59
CA PRO B 67 -68.27 11.59 33.83
C PRO B 67 -67.41 12.83 33.83
N SER B 68 -66.41 12.90 32.97
CA SER B 68 -65.57 14.08 32.85
C SER B 68 -66.27 15.26 32.11
N GLY B 69 -67.42 15.00 31.51
CA GLY B 69 -68.13 16.02 30.73
C GLY B 69 -67.54 16.33 29.35
N VAL B 70 -66.60 15.49 28.90
CA VAL B 70 -65.94 15.65 27.60
C VAL B 70 -66.18 14.42 26.71
N ILE B 71 -66.58 14.65 25.46
CA ILE B 71 -66.67 13.61 24.43
C ILE B 71 -65.28 13.49 23.80
N PRO B 72 -64.71 12.29 23.77
CA PRO B 72 -63.39 12.12 23.12
C PRO B 72 -63.37 12.57 21.65
N ASP B 73 -62.25 13.12 21.23
CA ASP B 73 -62.06 13.47 19.86
C ASP B 73 -61.57 12.20 19.13
N MET B 74 -62.46 11.60 18.34
CA MET B 74 -62.21 10.38 17.61
C MET B 74 -61.62 10.54 16.21
N ARG B 75 -61.43 11.76 15.75
CA ARG B 75 -60.91 11.99 14.40
C ARG B 75 -59.45 11.50 14.28
N GLY B 76 -59.19 10.69 13.24
CA GLY B 76 -57.88 10.07 13.07
C GLY B 76 -57.63 8.88 13.99
N GLN B 77 -58.61 8.49 14.82
CA GLN B 77 -58.41 7.44 15.80
C GLN B 77 -59.06 6.13 15.37
N THR B 78 -58.46 5.05 15.86
CA THR B 78 -59.03 3.72 15.80
C THR B 78 -59.36 3.32 17.25
N ILE B 79 -60.34 2.41 17.41
CA ILE B 79 -60.68 1.85 18.69
C ILE B 79 -59.83 0.60 18.96
N LYS B 80 -59.29 0.51 20.17
CA LYS B 80 -58.58 -0.68 20.61
C LYS B 80 -59.20 -1.11 21.94
N GLY B 81 -59.48 -2.40 22.10
CA GLY B 81 -59.89 -2.94 23.40
C GLY B 81 -58.81 -2.68 24.43
N LYS B 82 -59.21 -2.20 25.61
CA LYS B 82 -58.33 -1.79 26.69
C LYS B 82 -57.61 -2.98 27.35
N PRO B 83 -56.27 -3.05 27.23
CA PRO B 83 -55.53 -4.11 27.92
C PRO B 83 -55.29 -3.72 29.37
N SER B 84 -54.95 -4.70 30.21
CA SER B 84 -54.39 -4.38 31.54
C SER B 84 -53.20 -3.46 31.36
N GLY B 85 -53.06 -2.47 32.26
CA GLY B 85 -51.88 -1.63 32.24
C GLY B 85 -52.09 -0.36 31.43
N ARG B 86 -53.31 -0.17 30.94
CA ARG B 86 -53.69 1.04 30.21
C ARG B 86 -55.05 1.54 30.72
N ALA B 87 -55.22 2.84 30.94
CA ALA B 87 -56.50 3.35 31.46
C ALA B 87 -57.59 3.42 30.38
N VAL B 88 -58.86 3.29 30.75
CA VAL B 88 -59.95 3.46 29.74
C VAL B 88 -59.84 4.88 29.17
N LEU B 89 -59.99 5.00 27.84
CA LEU B 89 -59.91 6.29 27.13
C LEU B 89 -58.51 6.89 27.01
N SER B 90 -57.48 6.13 27.39
CA SER B 90 -56.10 6.62 27.21
C SER B 90 -55.80 6.55 25.72
N ALA B 91 -54.94 7.47 25.26
CA ALA B 91 -54.47 7.57 23.87
C ALA B 91 -53.15 6.84 23.72
N GLU B 92 -52.92 6.28 22.55
CA GLU B 92 -51.68 5.59 22.25
C GLU B 92 -51.28 6.09 20.87
N ALA B 93 -50.05 6.57 20.73
CA ALA B 93 -49.49 7.01 19.45
C ALA B 93 -49.19 5.84 18.51
N ASP B 94 -49.12 6.11 17.22
CA ASP B 94 -48.69 5.11 16.25
C ASP B 94 -47.19 4.88 16.41
N GLY B 95 -46.73 3.63 16.22
CA GLY B 95 -45.29 3.33 16.28
C GLY B 95 -44.91 2.00 15.65
N VAL B 96 -43.77 1.96 14.95
CA VAL B 96 -43.33 0.72 14.31
C VAL B 96 -42.83 -0.25 15.38
N LYS B 97 -43.06 -1.53 15.12
CA LYS B 97 -42.59 -2.65 15.95
C LYS B 97 -41.07 -2.82 15.82
N ALA B 98 -40.42 -3.19 16.92
CA ALA B 98 -38.96 -3.44 16.97
C ALA B 98 -38.54 -4.49 15.98
N HIS B 99 -37.54 -4.17 15.16
CA HIS B 99 -37.09 -5.06 14.08
C HIS B 99 -35.71 -4.57 13.65
N SER B 100 -34.94 -5.42 13.01
CA SER B 100 -33.73 -4.98 12.35
C SER B 100 -33.69 -5.58 10.94
N HIS B 101 -32.56 -5.48 10.27
CA HIS B 101 -32.42 -5.94 8.91
C HIS B 101 -31.07 -6.57 8.84
N SER B 102 -30.89 -7.53 7.92
CA SER B 102 -29.53 -7.95 7.65
C SER B 102 -28.98 -7.01 6.58
N ALA B 103 -27.65 -6.95 6.49
CA ALA B 103 -26.97 -6.04 5.61
C ALA B 103 -25.63 -6.63 5.15
N SER B 104 -25.11 -6.12 4.03
CA SER B 104 -23.80 -6.58 3.58
C SER B 104 -22.97 -5.47 2.91
N ALA B 105 -21.66 -5.59 2.97
CA ALA B 105 -20.78 -4.64 2.32
C ALA B 105 -20.15 -5.33 1.11
N SER B 106 -20.20 -4.70 -0.06
CA SER B 106 -19.51 -5.23 -1.22
C SER B 106 -18.01 -5.30 -0.92
N SER B 107 -17.36 -6.33 -1.46
CA SER B 107 -15.93 -6.48 -1.42
C SER B 107 -15.29 -5.36 -2.28
N THR B 108 -14.15 -4.81 -1.84
CA THR B 108 -13.46 -3.74 -2.58
C THR B 108 -12.00 -4.11 -2.85
N ASP B 109 -11.60 -4.03 -4.13
CA ASP B 109 -10.20 -4.29 -4.53
C ASP B 109 -9.38 -2.98 -4.50
N LEU B 110 -8.44 -2.90 -3.56
CA LEU B 110 -7.64 -1.68 -3.38
C LEU B 110 -6.52 -1.50 -4.43
N GLY B 111 -6.28 -2.52 -5.23
CA GLY B 111 -5.35 -2.45 -6.34
C GLY B 111 -3.91 -2.36 -5.87
N THR B 112 -3.11 -1.63 -6.65
CA THR B 112 -1.67 -1.64 -6.46
C THR B 112 -1.13 -0.28 -6.05
N LYS B 113 -0.25 -0.28 -5.06
CA LYS B 113 0.33 0.99 -4.58
C LYS B 113 1.83 1.07 -4.85
N THR B 114 2.32 2.27 -5.16
CA THR B 114 3.75 2.50 -5.38
C THR B 114 4.39 3.09 -4.12
N THR B 115 5.52 2.54 -3.69
CA THR B 115 6.31 3.10 -2.60
C THR B 115 6.99 4.44 -2.95
N SER B 116 7.50 5.14 -1.93
CA SER B 116 8.44 6.24 -2.17
C SER B 116 9.75 5.71 -2.81
N SER B 117 10.46 6.66 -3.45
CA SER B 117 11.74 6.46 -4.13
C SER B 117 12.84 6.53 -3.08
N PHE B 118 13.71 5.52 -3.05
CA PHE B 118 14.92 5.64 -2.26
C PHE B 118 16.13 5.75 -3.18
N ASP B 119 16.99 6.70 -2.90
CA ASP B 119 18.14 6.99 -3.76
C ASP B 119 19.44 6.62 -3.03
N TYR B 120 20.12 5.57 -3.52
CA TYR B 120 21.43 5.21 -2.97
C TYR B 120 22.55 6.14 -3.44
N GLY B 121 22.29 6.89 -4.52
CA GLY B 121 23.25 7.83 -5.08
C GLY B 121 24.50 7.15 -5.66
N THR B 122 25.65 7.73 -5.34
CA THR B 122 26.94 7.23 -5.79
C THR B 122 27.70 6.82 -4.54
N LYS B 123 28.27 5.63 -4.60
CA LYS B 123 29.08 5.14 -3.49
C LYS B 123 30.56 5.11 -3.92
N GLY B 124 31.44 5.24 -2.93
CA GLY B 124 32.89 5.14 -3.14
C GLY B 124 33.43 3.82 -2.61
N THR B 125 34.40 3.27 -3.34
CA THR B 125 35.10 2.05 -2.93
C THR B 125 36.18 2.35 -1.87
N ASN B 126 36.69 1.31 -1.21
CA ASN B 126 37.96 1.46 -0.46
C ASN B 126 39.14 1.76 -1.41
N SER B 127 40.25 2.19 -0.82
CA SER B 127 41.49 2.46 -1.57
C SER B 127 42.40 1.25 -1.58
N THR B 128 42.78 0.86 -2.79
CA THR B 128 43.65 -0.30 -2.92
C THR B 128 44.42 -0.27 -4.22
N GLY B 129 45.33 -1.24 -4.38
CA GLY B 129 46.03 -1.46 -5.63
C GLY B 129 47.47 -1.00 -5.73
N GLY B 130 48.08 -0.66 -4.59
CA GLY B 130 49.52 -0.33 -4.53
C GLY B 130 50.38 -1.56 -4.86
N HIS B 131 51.44 -1.36 -5.65
CA HIS B 131 52.23 -2.48 -6.19
C HIS B 131 53.55 -1.96 -6.76
N THR B 132 54.46 -2.91 -7.03
CA THR B 132 55.74 -2.64 -7.66
C THR B 132 55.88 -3.61 -8.85
N HIS B 133 56.83 -3.30 -9.73
CA HIS B 133 57.22 -4.19 -10.79
C HIS B 133 58.73 -4.40 -10.68
N SER B 134 59.20 -5.45 -11.35
CA SER B 134 60.64 -5.59 -11.52
C SER B 134 60.98 -5.49 -13.00
N GLY B 135 62.25 -5.29 -13.27
CA GLY B 135 62.76 -5.21 -14.64
C GLY B 135 64.18 -5.75 -14.70
N SER B 136 64.63 -6.03 -15.91
CA SER B 136 66.02 -6.46 -16.15
C SER B 136 66.33 -6.46 -17.64
N GLY B 137 67.62 -6.65 -17.95
CA GLY B 137 68.10 -6.59 -19.33
C GLY B 137 69.58 -6.22 -19.41
N SER B 138 69.99 -5.87 -20.63
CA SER B 138 71.33 -5.37 -20.91
C SER B 138 71.25 -3.95 -21.45
N THR B 139 72.31 -3.17 -21.23
CA THR B 139 72.46 -1.86 -21.88
C THR B 139 72.80 -2.05 -23.37
N SER B 140 72.79 -0.96 -24.13
CA SER B 140 73.44 -0.95 -25.44
C SER B 140 74.96 -1.24 -25.31
N THR B 141 75.56 -1.67 -26.41
CA THR B 141 76.99 -1.87 -26.51
C THR B 141 77.64 -0.54 -26.95
N ASN B 142 78.45 0.04 -26.04
CA ASN B 142 79.19 1.27 -26.30
C ASN B 142 80.60 1.16 -25.75
N GLY B 143 81.34 2.26 -25.86
CA GLY B 143 82.55 2.47 -25.10
C GLY B 143 83.87 2.37 -25.85
N GLU B 144 83.82 2.08 -27.16
CA GLU B 144 85.04 1.99 -27.94
C GLU B 144 85.83 3.29 -27.95
N HIS B 145 87.14 3.18 -27.83
CA HIS B 145 87.98 4.34 -27.59
C HIS B 145 89.45 3.94 -27.77
N SER B 146 90.30 4.95 -27.83
CA SER B 146 91.72 4.70 -27.83
C SER B 146 92.34 5.69 -26.89
N HIS B 147 93.62 5.49 -26.58
CA HIS B 147 94.37 6.35 -25.67
C HIS B 147 95.57 6.97 -26.36
N TYR B 148 95.78 8.26 -26.06
CA TYR B 148 96.99 8.97 -26.43
C TYR B 148 98.19 8.53 -25.57
N ILE B 149 99.36 8.44 -26.19
CA ILE B 149 100.60 8.11 -25.46
C ILE B 149 101.62 9.19 -25.76
N GLU B 150 102.19 9.76 -24.72
CA GLU B 150 103.28 10.74 -24.90
C GLU B 150 104.54 10.01 -25.40
N ALA B 151 105.10 10.55 -26.47
CA ALA B 151 106.37 10.07 -27.05
C ALA B 151 107.53 11.01 -26.70
N TRP B 152 108.72 10.43 -26.62
CA TRP B 152 109.96 11.09 -26.25
C TRP B 152 111.04 10.70 -27.27
N ASN B 153 112.13 11.43 -27.32
CA ASN B 153 113.18 11.22 -28.34
C ASN B 153 114.49 11.81 -27.82
N GLY B 154 115.62 11.43 -28.40
CA GLY B 154 116.89 12.06 -28.05
C GLY B 154 117.71 11.15 -27.19
N THR B 155 118.91 10.79 -27.63
CA THR B 155 119.75 9.83 -26.89
C THR B 155 120.34 10.45 -25.60
N GLY B 156 120.84 9.58 -24.72
CA GLY B 156 121.40 9.96 -23.43
C GLY B 156 120.57 9.54 -22.21
N VAL B 157 119.27 9.34 -22.41
CA VAL B 157 118.38 8.87 -21.34
C VAL B 157 117.54 7.69 -21.87
N GLY B 158 117.34 6.65 -21.06
CA GLY B 158 116.56 5.45 -21.40
C GLY B 158 115.67 5.01 -20.22
N GLY B 159 114.76 4.06 -20.45
CA GLY B 159 113.89 3.49 -19.40
C GLY B 159 112.47 4.04 -19.30
N ASN B 160 111.51 3.15 -19.09
CA ASN B 160 110.11 3.48 -18.72
C ASN B 160 109.18 4.07 -19.78
N LYS B 161 109.57 5.22 -20.32
CA LYS B 161 108.74 6.01 -21.23
C LYS B 161 108.80 5.50 -22.65
N MET B 162 107.89 6.00 -23.50
CA MET B 162 107.87 5.63 -24.90
C MET B 162 108.83 6.43 -25.77
N SER B 163 109.79 5.74 -26.39
CA SER B 163 110.70 6.36 -27.36
C SER B 163 110.13 6.34 -28.79
N SER B 164 110.27 7.45 -29.52
CA SER B 164 109.96 7.50 -30.96
C SER B 164 111.24 7.70 -31.80
N TYR B 165 112.31 7.06 -31.35
CA TYR B 165 113.63 7.23 -31.94
C TYR B 165 113.71 6.86 -33.43
N ALA B 166 113.30 5.63 -33.75
CA ALA B 166 113.35 5.10 -35.12
C ALA B 166 111.96 4.60 -35.51
N ILE B 167 111.30 5.29 -36.46
CA ILE B 167 109.94 4.91 -36.88
C ILE B 167 109.70 4.86 -38.40
N SER B 168 110.76 4.64 -39.18
CA SER B 168 110.69 4.59 -40.66
C SER B 168 109.70 3.60 -41.25
N TYR B 169 109.61 2.40 -40.68
CA TYR B 169 108.74 1.36 -41.27
C TYR B 169 108.04 0.54 -40.20
N ARG B 170 106.96 -0.13 -40.59
CA ARG B 170 106.14 -0.88 -39.65
C ARG B 170 106.90 -2.13 -39.15
N ALA B 171 106.77 -2.47 -37.86
CA ALA B 171 107.48 -3.61 -37.26
C ALA B 171 106.60 -4.30 -36.23
N GLY B 172 105.43 -4.78 -36.67
CA GLY B 172 104.48 -5.44 -35.80
C GLY B 172 103.85 -4.54 -34.76
N GLY B 173 103.78 -5.02 -33.53
CA GLY B 173 103.01 -4.35 -32.50
C GLY B 173 102.87 -5.26 -31.29
N SER B 174 102.21 -4.75 -30.27
CA SER B 174 102.01 -5.48 -29.00
C SER B 174 100.90 -4.79 -28.20
N ASN B 175 100.55 -5.37 -27.06
CA ASN B 175 99.40 -4.91 -26.28
C ASN B 175 99.76 -4.12 -25.03
N THR B 176 98.91 -3.16 -24.66
CA THR B 176 98.96 -2.59 -23.32
C THR B 176 98.62 -3.68 -22.29
N ASN B 177 98.77 -3.39 -21.00
CA ASN B 177 98.20 -4.28 -19.97
C ASN B 177 96.69 -4.02 -19.93
N ALA B 178 95.93 -4.91 -19.27
CA ALA B 178 94.47 -4.72 -19.18
C ALA B 178 94.08 -3.67 -18.12
N ALA B 179 92.94 -2.99 -18.35
CA ALA B 179 92.33 -2.05 -17.40
C ALA B 179 90.90 -1.82 -17.83
N GLY B 180 90.14 -1.09 -17.05
CA GLY B 180 88.87 -0.56 -17.52
C GLY B 180 87.57 -1.07 -16.93
N ASN B 181 87.63 -1.97 -15.95
CA ASN B 181 86.42 -2.45 -15.24
C ASN B 181 85.68 -1.33 -14.51
N HIS B 182 84.36 -1.27 -14.65
CA HIS B 182 83.61 -0.15 -14.09
C HIS B 182 82.15 -0.51 -14.14
N SER B 183 81.34 0.27 -13.44
CA SER B 183 79.90 0.24 -13.61
C SER B 183 79.36 1.68 -13.82
N HIS B 184 78.06 1.76 -14.09
CA HIS B 184 77.32 3.04 -14.17
C HIS B 184 76.07 3.00 -13.30
N THR B 185 75.57 4.17 -12.93
CA THR B 185 74.25 4.25 -12.31
C THR B 185 73.21 4.53 -13.41
N PHE B 186 71.95 4.21 -13.10
CA PHE B 186 70.82 4.52 -13.98
C PHE B 186 69.63 5.06 -13.17
N SER B 187 68.70 5.71 -13.86
CA SER B 187 67.52 6.32 -13.22
C SER B 187 66.46 6.55 -14.28
N PHE B 188 65.21 6.29 -13.91
CA PHE B 188 64.09 6.41 -14.86
C PHE B 188 62.73 6.68 -14.20
N GLY B 189 61.81 7.22 -15.01
CA GLY B 189 60.36 7.14 -14.75
C GLY B 189 59.83 6.20 -15.82
N THR B 190 58.74 5.49 -15.54
CA THR B 190 58.14 4.58 -16.54
C THR B 190 57.06 5.28 -17.38
N SER B 191 56.57 4.58 -18.41
CA SER B 191 55.37 5.00 -19.13
C SER B 191 54.13 4.92 -18.20
N SER B 192 53.07 5.61 -18.59
CA SER B 192 51.80 5.61 -17.87
C SER B 192 51.00 4.37 -18.24
N ALA B 193 50.46 3.70 -17.22
CA ALA B 193 49.60 2.56 -17.46
C ALA B 193 48.67 2.36 -16.29
N GLY B 194 47.72 1.44 -16.48
CA GLY B 194 46.87 0.97 -15.41
C GLY B 194 45.45 1.52 -15.30
N ASP B 195 45.02 2.36 -16.25
CA ASP B 195 43.64 2.83 -16.26
C ASP B 195 42.67 1.65 -16.48
N HIS B 196 41.70 1.51 -15.58
CA HIS B 196 40.78 0.38 -15.59
C HIS B 196 39.46 0.73 -14.88
N SER B 197 38.47 -0.14 -15.04
CA SER B 197 37.25 -0.06 -14.26
C SER B 197 36.85 -1.46 -13.77
N HIS B 198 35.86 -1.51 -12.88
CA HIS B 198 35.35 -2.77 -12.34
C HIS B 198 33.85 -2.87 -12.51
N SER B 199 33.32 -4.06 -12.36
CA SER B 199 31.89 -4.19 -12.19
C SER B 199 31.61 -4.69 -10.77
N VAL B 200 30.40 -4.42 -10.30
CA VAL B 200 29.98 -4.84 -8.96
C VAL B 200 28.54 -5.38 -8.95
N GLY B 201 28.39 -6.64 -8.57
CA GLY B 201 27.07 -7.27 -8.51
C GLY B 201 26.32 -6.71 -7.31
N ILE B 202 25.20 -6.04 -7.56
CA ILE B 202 24.35 -5.48 -6.47
C ILE B 202 23.21 -6.46 -6.18
N GLY B 203 22.39 -6.74 -7.19
CA GLY B 203 21.33 -7.73 -7.04
C GLY B 203 19.98 -7.14 -6.65
N ALA B 204 19.07 -8.03 -6.25
CA ALA B 204 17.65 -7.72 -6.13
C ALA B 204 17.17 -7.81 -4.69
N HIS B 205 16.05 -7.16 -4.38
CA HIS B 205 15.49 -7.17 -3.04
C HIS B 205 13.97 -6.89 -3.02
N THR B 206 13.32 -7.38 -1.96
CA THR B 206 11.94 -7.00 -1.65
C THR B 206 11.88 -6.41 -0.24
N HIS B 207 10.71 -5.87 0.11
CA HIS B 207 10.37 -5.53 1.50
C HIS B 207 9.04 -6.16 1.91
N THR B 208 8.72 -6.13 3.20
CA THR B 208 7.37 -6.43 3.67
C THR B 208 6.82 -5.17 4.27
N VAL B 209 5.49 -5.00 4.21
CA VAL B 209 4.83 -3.88 4.84
C VAL B 209 3.52 -4.32 5.55
N ALA B 210 3.38 -3.90 6.81
CA ALA B 210 2.15 -4.12 7.62
C ALA B 210 1.09 -3.06 7.32
N ILE B 211 -0.07 -3.49 6.82
CA ILE B 211 -1.16 -2.54 6.50
C ILE B 211 -2.05 -2.12 7.70
N GLY B 212 -2.31 -3.00 8.66
CA GLY B 212 -3.13 -2.63 9.82
C GLY B 212 -4.64 -2.77 9.58
N SER B 213 -5.41 -2.08 10.42
CA SER B 213 -6.86 -2.22 10.47
C SER B 213 -7.60 -0.94 10.23
N HIS B 214 -8.88 -1.07 9.86
CA HIS B 214 -9.69 0.10 9.60
C HIS B 214 -11.18 -0.30 9.64
N GLY B 215 -12.04 0.72 9.78
CA GLY B 215 -13.48 0.55 9.66
C GLY B 215 -14.07 1.64 8.79
N HIS B 216 -15.40 1.72 8.84
CA HIS B 216 -16.17 2.71 8.12
C HIS B 216 -17.34 3.12 9.00
N THR B 217 -17.84 4.34 8.80
CA THR B 217 -19.10 4.77 9.44
C THR B 217 -20.26 4.41 8.50
N ILE B 218 -21.24 3.68 9.02
CA ILE B 218 -22.43 3.26 8.25
C ILE B 218 -23.65 4.12 8.60
N THR B 219 -24.25 4.75 7.60
CA THR B 219 -25.50 5.51 7.72
C THR B 219 -26.64 4.72 7.02
N VAL B 220 -27.78 4.58 7.71
CA VAL B 220 -28.97 3.93 7.13
C VAL B 220 -30.01 5.02 6.99
N ASN B 221 -30.59 5.19 5.79
CA ASN B 221 -31.60 6.22 5.57
C ASN B 221 -33.02 5.80 6.02
N SER B 222 -33.85 6.81 6.21
CA SER B 222 -35.22 6.68 6.63
C SER B 222 -36.09 6.03 5.52
N THR B 223 -37.02 5.19 5.93
CA THR B 223 -38.04 4.67 5.01
C THR B 223 -39.35 4.72 5.76
N GLY B 224 -40.38 5.15 5.06
CA GLY B 224 -41.73 5.08 5.54
C GLY B 224 -42.48 6.38 5.46
N ASN B 225 -43.70 6.36 6.00
CA ASN B 225 -44.64 7.47 5.93
C ASN B 225 -44.69 8.31 7.22
N THR B 226 -45.49 9.36 7.19
CA THR B 226 -45.77 10.24 8.36
C THR B 226 -46.35 9.44 9.53
N GLU B 227 -47.29 8.55 9.21
CA GLU B 227 -47.99 7.73 10.18
C GLU B 227 -47.75 6.25 9.91
N ASN B 228 -47.85 5.42 10.94
CA ASN B 228 -47.89 3.96 10.81
C ASN B 228 -49.37 3.65 10.60
N THR B 229 -49.72 2.98 9.50
CA THR B 229 -51.14 2.69 9.24
C THR B 229 -51.40 1.28 8.79
N VAL B 230 -52.67 0.88 8.95
CA VAL B 230 -53.21 -0.35 8.37
C VAL B 230 -54.29 0.03 7.35
N LYS B 231 -54.68 -0.90 6.48
CA LYS B 231 -55.81 -0.70 5.60
C LYS B 231 -57.06 -0.27 6.39
N ASN B 232 -57.61 0.89 6.04
CA ASN B 232 -58.72 1.45 6.80
C ASN B 232 -59.70 2.20 5.90
N ILE B 233 -60.95 2.31 6.35
CA ILE B 233 -61.97 3.12 5.71
C ILE B 233 -62.42 4.17 6.75
N ALA B 234 -62.65 5.40 6.29
CA ALA B 234 -62.97 6.53 7.16
C ALA B 234 -64.47 6.63 7.40
N PHE B 235 -64.87 6.60 8.67
CA PHE B 235 -66.23 6.88 9.08
C PHE B 235 -66.18 8.05 10.05
N ASN B 236 -67.28 8.74 10.24
CA ASN B 236 -67.39 9.73 11.30
C ASN B 236 -67.88 9.08 12.57
N TYR B 237 -67.12 9.14 13.65
CA TYR B 237 -67.64 8.62 14.91
C TYR B 237 -68.64 9.63 15.50
N ILE B 238 -69.84 9.17 15.77
CA ILE B 238 -70.87 9.98 16.40
C ILE B 238 -71.33 9.26 17.67
N VAL B 239 -72.07 9.95 18.50
CA VAL B 239 -72.52 9.40 19.75
C VAL B 239 -73.99 9.86 19.95
N ARG B 240 -74.86 8.97 20.40
CA ARG B 240 -76.23 9.34 20.76
C ARG B 240 -76.27 10.12 22.07
N LEU B 241 -77.01 11.23 22.08
CA LEU B 241 -77.06 12.11 23.26
C LEU B 241 -78.06 11.68 24.33
N ALA B 242 -79.26 11.33 23.89
CA ALA B 242 -80.34 10.96 24.81
C ALA B 242 -81.21 9.85 24.20
N SER C 27 -84.37 4.98 17.44
CA SER C 27 -83.43 3.85 17.11
C SER C 27 -82.04 4.10 17.71
N SER C 28 -81.57 3.14 18.52
CA SER C 28 -80.34 3.30 19.28
C SER C 28 -79.04 3.06 18.48
N TYR C 29 -79.15 2.31 17.38
CA TYR C 29 -78.04 2.18 16.42
C TYR C 29 -78.63 2.40 15.03
N PRO C 30 -78.32 3.54 14.41
CA PRO C 30 -79.02 3.91 13.16
C PRO C 30 -78.64 3.09 11.93
N ILE C 31 -79.60 3.02 11.01
CA ILE C 31 -79.51 2.20 9.81
C ILE C 31 -78.37 2.70 8.94
N GLY C 32 -77.51 1.78 8.52
CA GLY C 32 -76.34 2.16 7.71
C GLY C 32 -75.02 2.14 8.44
N ALA C 33 -75.07 2.18 9.78
CA ALA C 33 -73.86 2.03 10.58
C ALA C 33 -73.38 0.56 10.56
N PRO C 34 -72.06 0.33 10.31
CA PRO C 34 -71.57 -1.02 10.22
C PRO C 34 -71.53 -1.75 11.58
N ILE C 35 -71.81 -3.05 11.57
CA ILE C 35 -71.93 -3.90 12.77
C ILE C 35 -70.95 -5.07 12.64
N PRO C 36 -70.04 -5.25 13.61
CA PRO C 36 -69.14 -6.41 13.58
C PRO C 36 -69.88 -7.66 14.09
N TRP C 37 -70.05 -8.65 13.22
CA TRP C 37 -70.82 -9.85 13.54
C TRP C 37 -69.87 -11.07 13.62
N PRO C 38 -69.92 -11.84 14.75
CA PRO C 38 -68.93 -12.90 15.04
C PRO C 38 -69.19 -14.27 14.43
N SER C 39 -70.14 -14.35 13.51
CA SER C 39 -70.57 -15.60 12.94
C SER C 39 -70.62 -15.53 11.41
N ASP C 40 -70.36 -16.67 10.75
CA ASP C 40 -70.56 -16.75 9.30
C ASP C 40 -72.04 -16.88 8.89
N SER C 41 -72.93 -17.15 9.85
CA SER C 41 -74.40 -17.10 9.67
C SER C 41 -75.01 -15.72 9.99
N VAL C 42 -75.30 -14.94 8.95
CA VAL C 42 -75.84 -13.58 9.08
C VAL C 42 -77.34 -13.60 9.46
N PRO C 43 -77.77 -12.77 10.44
CA PRO C 43 -79.22 -12.71 10.81
C PRO C 43 -80.08 -12.19 9.65
N ALA C 44 -81.34 -12.61 9.57
CA ALA C 44 -82.28 -12.08 8.54
C ALA C 44 -82.52 -10.59 8.72
N GLY C 45 -82.59 -9.83 7.62
CA GLY C 45 -82.76 -8.37 7.69
C GLY C 45 -81.45 -7.57 7.73
N PHE C 46 -80.30 -8.24 7.53
CA PHE C 46 -78.99 -7.60 7.46
C PHE C 46 -78.28 -8.16 6.25
N ALA C 47 -77.21 -7.49 5.83
CA ALA C 47 -76.42 -7.91 4.66
C ALA C 47 -74.93 -7.69 4.92
N LEU C 48 -74.10 -8.63 4.48
CA LEU C 48 -72.65 -8.45 4.52
C LEU C 48 -72.26 -7.20 3.75
N MET C 49 -71.35 -6.40 4.30
CA MET C 49 -70.87 -5.19 3.60
C MET C 49 -69.77 -5.54 2.65
N GLU C 50 -70.16 -5.82 1.41
CA GLU C 50 -69.24 -6.37 0.45
C GLU C 50 -69.05 -5.54 -0.81
N GLY C 51 -69.44 -4.28 -0.79
CA GLY C 51 -69.27 -3.39 -1.98
C GLY C 51 -70.44 -3.42 -2.98
N GLN C 52 -71.54 -4.05 -2.60
CA GLN C 52 -72.69 -4.25 -3.48
C GLN C 52 -73.51 -2.97 -3.67
N THR C 53 -74.31 -2.93 -4.73
CA THR C 53 -75.28 -1.86 -4.87
C THR C 53 -76.56 -2.31 -4.20
N PHE C 54 -77.44 -1.35 -3.90
CA PHE C 54 -78.72 -1.65 -3.25
C PHE C 54 -79.88 -0.87 -3.85
N ASP C 55 -81.09 -1.37 -3.60
CA ASP C 55 -82.32 -0.78 -4.12
C ASP C 55 -82.70 0.43 -3.25
N LYS C 56 -82.44 1.64 -3.75
CA LYS C 56 -82.61 2.88 -2.94
C LYS C 56 -84.06 3.17 -2.56
N SER C 57 -84.99 2.87 -3.46
CA SER C 57 -86.44 3.05 -3.19
C SER C 57 -86.94 2.08 -2.13
N ALA C 58 -86.46 0.85 -2.19
CA ALA C 58 -86.83 -0.17 -1.21
C ALA C 58 -86.18 0.03 0.14
N TYR C 59 -85.02 0.69 0.18
CA TYR C 59 -84.30 0.90 1.43
C TYR C 59 -83.97 2.38 1.66
N PRO C 60 -85.02 3.20 1.94
CA PRO C 60 -84.92 4.66 1.91
C PRO C 60 -84.06 5.25 3.04
N LYS C 61 -84.05 4.61 4.22
CA LYS C 61 -83.14 5.04 5.30
C LYS C 61 -81.70 4.66 4.97
N LEU C 62 -81.51 3.49 4.36
CA LEU C 62 -80.19 3.09 3.88
C LEU C 62 -79.69 4.08 2.82
N ALA C 63 -80.59 4.54 1.96
CA ALA C 63 -80.26 5.57 0.95
C ALA C 63 -79.83 6.92 1.51
N VAL C 64 -80.23 7.25 2.73
CA VAL C 64 -79.77 8.47 3.41
C VAL C 64 -78.33 8.28 3.92
N ALA C 65 -78.04 7.12 4.51
CA ALA C 65 -76.67 6.85 4.96
C ALA C 65 -75.69 6.71 3.77
N TYR C 66 -76.15 6.04 2.70
CA TYR C 66 -75.31 5.79 1.53
C TYR C 66 -75.97 6.36 0.26
N PRO C 67 -75.87 7.69 0.06
CA PRO C 67 -76.47 8.32 -1.14
C PRO C 67 -76.01 7.75 -2.50
N SER C 68 -74.79 7.20 -2.57
CA SER C 68 -74.29 6.59 -3.81
C SER C 68 -75.00 5.29 -4.27
N GLY C 69 -75.86 4.72 -3.42
CA GLY C 69 -76.50 3.43 -3.70
C GLY C 69 -75.54 2.25 -3.63
N VAL C 70 -74.36 2.46 -3.04
CA VAL C 70 -73.30 1.46 -2.87
C VAL C 70 -72.93 1.31 -1.37
N ILE C 71 -72.92 0.08 -0.88
CA ILE C 71 -72.46 -0.26 0.47
C ILE C 71 -70.97 -0.59 0.40
N PRO C 72 -70.12 0.10 1.20
CA PRO C 72 -68.67 -0.11 1.02
C PRO C 72 -68.23 -1.54 1.34
N ASP C 73 -67.14 -1.99 0.71
CA ASP C 73 -66.54 -3.29 1.00
C ASP C 73 -65.69 -3.22 2.27
N MET C 74 -66.14 -3.87 3.33
CA MET C 74 -65.40 -3.86 4.63
C MET C 74 -64.40 -5.01 4.84
N ARG C 75 -64.30 -5.89 3.84
CA ARG C 75 -63.41 -7.07 3.94
C ARG C 75 -61.93 -6.66 3.98
N GLY C 76 -61.25 -7.04 5.07
CA GLY C 76 -59.83 -6.70 5.28
C GLY C 76 -59.58 -5.30 5.81
N GLN C 77 -60.67 -4.61 6.18
CA GLN C 77 -60.65 -3.21 6.57
C GLN C 77 -60.77 -3.04 8.08
N THR C 78 -60.09 -2.02 8.57
CA THR C 78 -60.29 -1.47 9.90
C THR C 78 -61.00 -0.09 9.81
N ILE C 79 -61.94 0.18 10.72
CA ILE C 79 -62.55 1.51 10.78
C ILE C 79 -61.60 2.53 11.41
N LYS C 80 -61.40 3.64 10.73
CA LYS C 80 -60.67 4.76 11.34
C LYS C 80 -61.57 6.01 11.33
N GLY C 81 -61.56 6.81 12.39
CA GLY C 81 -62.30 8.08 12.43
C GLY C 81 -61.81 9.08 11.38
N LYS C 82 -62.73 9.63 10.60
CA LYS C 82 -62.39 10.49 9.47
C LYS C 82 -61.61 11.73 9.93
N PRO C 83 -60.31 11.84 9.57
CA PRO C 83 -59.55 13.07 9.88
C PRO C 83 -59.81 14.14 8.84
N SER C 84 -59.39 15.38 9.08
CA SER C 84 -59.69 16.45 8.11
C SER C 84 -58.81 16.35 6.85
N GLY C 85 -59.35 16.77 5.70
CA GLY C 85 -58.61 16.66 4.43
C GLY C 85 -58.86 15.32 3.71
N ARG C 86 -59.73 14.52 4.28
CA ARG C 86 -60.01 13.18 3.80
C ARG C 86 -61.52 12.99 3.77
N ALA C 87 -62.06 12.53 2.65
CA ALA C 87 -63.52 12.26 2.53
C ALA C 87 -64.01 11.01 3.27
N VAL C 88 -65.25 11.06 3.74
CA VAL C 88 -65.86 9.94 4.45
C VAL C 88 -65.97 8.75 3.47
N LEU C 89 -65.72 7.54 3.98
CA LEU C 89 -65.69 6.31 3.19
C LEU C 89 -64.50 6.19 2.22
N SER C 90 -63.56 7.14 2.24
CA SER C 90 -62.36 6.96 1.43
C SER C 90 -61.47 5.84 2.05
N ALA C 91 -60.67 5.19 1.19
CA ALA C 91 -59.74 4.15 1.62
C ALA C 91 -58.32 4.69 1.83
N GLU C 92 -57.60 4.08 2.77
CA GLU C 92 -56.19 4.40 3.04
C GLU C 92 -55.43 3.08 3.12
N ALA C 93 -54.30 3.04 2.45
CA ALA C 93 -53.44 1.86 2.36
C ALA C 93 -52.61 1.68 3.63
N ASP C 94 -52.13 0.46 3.88
CA ASP C 94 -51.20 0.24 5.00
C ASP C 94 -49.80 0.80 4.65
N GLY C 95 -49.06 1.23 5.67
CA GLY C 95 -47.76 1.89 5.47
C GLY C 95 -46.99 1.97 6.77
N VAL C 96 -45.68 1.70 6.69
CA VAL C 96 -44.76 1.74 7.83
C VAL C 96 -44.44 3.20 8.19
N LYS C 97 -44.37 3.50 9.48
CA LYS C 97 -43.94 4.82 9.90
C LYS C 97 -42.43 5.04 9.57
N ALA C 98 -42.13 6.25 9.08
CA ALA C 98 -40.72 6.71 8.87
C ALA C 98 -39.83 6.39 10.05
N HIS C 99 -38.72 5.68 9.78
CA HIS C 99 -37.77 5.33 10.85
C HIS C 99 -36.44 5.00 10.18
N SER C 100 -35.35 5.04 10.93
CA SER C 100 -34.12 4.44 10.43
C SER C 100 -33.52 3.55 11.50
N HIS C 101 -32.25 3.21 11.33
CA HIS C 101 -31.55 2.30 12.20
C HIS C 101 -30.13 2.78 12.34
N SER C 102 -29.53 2.55 13.49
CA SER C 102 -28.09 2.73 13.57
C SER C 102 -27.45 1.46 12.99
N ALA C 103 -26.21 1.56 12.54
CA ALA C 103 -25.51 0.43 11.95
C ALA C 103 -23.99 0.56 12.18
N SER C 104 -23.28 -0.54 12.09
CA SER C 104 -21.84 -0.50 12.30
C SER C 104 -21.16 -1.52 11.41
N ALA C 105 -19.88 -1.28 11.11
CA ALA C 105 -19.10 -2.16 10.28
C ALA C 105 -17.95 -2.66 11.14
N SER C 106 -17.66 -3.96 11.07
CA SER C 106 -16.52 -4.54 11.77
C SER C 106 -15.18 -4.03 11.20
N SER C 107 -14.18 -3.97 12.08
CA SER C 107 -12.81 -3.63 11.76
C SER C 107 -12.13 -4.79 11.01
N THR C 108 -11.45 -4.49 9.92
CA THR C 108 -10.78 -5.54 9.12
C THR C 108 -9.28 -5.29 9.08
N ASP C 109 -8.50 -6.28 9.54
CA ASP C 109 -7.03 -6.28 9.43
C ASP C 109 -6.59 -6.76 8.06
N LEU C 110 -5.88 -5.90 7.33
CA LEU C 110 -5.47 -6.26 5.97
C LEU C 110 -4.18 -7.07 5.94
N GLY C 111 -3.46 -7.05 7.05
CA GLY C 111 -2.27 -7.90 7.23
C GLY C 111 -0.98 -7.32 6.63
N THR C 112 -0.03 -8.22 6.36
CA THR C 112 1.31 -7.90 5.86
C THR C 112 1.39 -8.31 4.39
N LYS C 113 1.94 -7.40 3.58
CA LYS C 113 2.12 -7.64 2.14
C LYS C 113 3.60 -7.55 1.74
N THR C 114 3.98 -8.33 0.73
CA THR C 114 5.34 -8.31 0.18
C THR C 114 5.37 -7.44 -1.09
N THR C 115 6.30 -6.48 -1.15
CA THR C 115 6.46 -5.63 -2.35
C THR C 115 7.00 -6.40 -3.55
N SER C 116 6.89 -5.80 -4.74
CA SER C 116 7.62 -6.28 -5.91
C SER C 116 9.13 -6.29 -5.66
N SER C 117 9.83 -7.11 -6.42
CA SER C 117 11.27 -7.23 -6.30
C SER C 117 11.91 -6.16 -7.19
N PHE C 118 12.87 -5.40 -6.67
CA PHE C 118 13.65 -4.49 -7.55
C PHE C 118 15.08 -4.99 -7.69
N ASP C 119 15.56 -5.02 -8.93
CA ASP C 119 16.88 -5.54 -9.26
C ASP C 119 17.80 -4.41 -9.71
N TYR C 120 18.79 -4.10 -8.88
CA TYR C 120 19.81 -3.15 -9.29
C TYR C 120 20.79 -3.74 -10.30
N GLY C 121 20.86 -5.07 -10.33
CA GLY C 121 21.71 -5.80 -11.27
C GLY C 121 23.19 -5.61 -10.97
N THR C 122 23.96 -5.42 -12.02
CA THR C 122 25.41 -5.21 -11.95
C THR C 122 25.71 -3.78 -12.37
N LYS C 123 26.54 -3.08 -11.61
CA LYS C 123 26.96 -1.70 -11.93
C LYS C 123 28.46 -1.63 -12.27
N GLY C 124 28.83 -0.64 -13.06
CA GLY C 124 30.23 -0.36 -13.38
C GLY C 124 30.76 0.80 -12.57
N THR C 125 32.06 0.78 -12.28
CA THR C 125 32.73 1.91 -11.62
C THR C 125 33.18 2.93 -12.65
N ASN C 126 33.72 4.05 -12.18
CA ASN C 126 34.43 4.94 -13.08
C ASN C 126 35.81 4.34 -13.46
N SER C 127 36.40 4.82 -14.55
CA SER C 127 37.77 4.44 -14.93
C SER C 127 38.77 5.37 -14.29
N THR C 128 39.73 4.77 -13.61
CA THR C 128 40.85 5.50 -13.04
C THR C 128 42.09 4.57 -12.84
N GLY C 129 43.13 5.10 -12.21
CA GLY C 129 44.26 4.25 -11.81
C GLY C 129 45.51 4.37 -12.63
N GLY C 130 45.48 5.21 -13.68
CA GLY C 130 46.66 5.50 -14.51
C GLY C 130 47.78 6.13 -13.68
N HIS C 131 49.01 5.67 -13.90
CA HIS C 131 50.18 6.02 -13.05
C HIS C 131 51.51 5.67 -13.71
N THR C 132 52.58 6.11 -13.07
CA THR C 132 53.96 5.76 -13.42
C THR C 132 54.70 5.27 -12.17
N HIS C 133 55.90 4.73 -12.36
CA HIS C 133 56.79 4.46 -11.23
C HIS C 133 58.15 5.03 -11.56
N SER C 134 58.97 5.17 -10.53
CA SER C 134 60.36 5.49 -10.74
C SER C 134 61.22 4.31 -10.30
N GLY C 135 62.51 4.39 -10.64
CA GLY C 135 63.45 3.35 -10.29
C GLY C 135 64.88 3.83 -10.49
N SER C 136 65.80 3.15 -9.81
CA SER C 136 67.21 3.47 -9.91
C SER C 136 68.06 2.31 -9.45
N GLY C 137 69.35 2.37 -9.78
CA GLY C 137 70.28 1.35 -9.32
C GLY C 137 71.61 1.51 -10.02
N SER C 138 72.43 0.47 -9.88
CA SER C 138 73.71 0.36 -10.58
C SER C 138 73.69 -0.81 -11.56
N THR C 139 74.54 -0.76 -12.57
CA THR C 139 74.73 -1.88 -13.47
C THR C 139 75.73 -2.89 -12.85
N SER C 140 75.90 -4.03 -13.53
CA SER C 140 77.04 -4.90 -13.30
C SER C 140 78.38 -4.21 -13.62
N THR C 141 79.48 -4.78 -13.10
CA THR C 141 80.82 -4.30 -13.38
C THR C 141 81.39 -5.10 -14.56
N ASN C 142 81.70 -4.38 -15.66
CA ASN C 142 82.27 -4.97 -16.88
C ASN C 142 83.27 -4.04 -17.57
N GLY C 143 83.92 -4.56 -18.61
CA GLY C 143 84.65 -3.73 -19.54
C GLY C 143 86.17 -3.78 -19.48
N GLU C 144 86.75 -4.71 -18.73
CA GLU C 144 88.19 -4.88 -18.70
C GLU C 144 88.67 -5.26 -20.10
N HIS C 145 89.79 -4.68 -20.53
CA HIS C 145 90.26 -4.84 -21.90
C HIS C 145 91.70 -4.33 -22.00
N SER C 146 92.33 -4.56 -23.14
CA SER C 146 93.61 -3.93 -23.44
C SER C 146 93.57 -3.45 -24.90
N HIS C 147 94.61 -2.70 -25.30
CA HIS C 147 94.67 -2.17 -26.65
C HIS C 147 95.91 -2.65 -27.37
N TYR C 148 95.79 -2.76 -28.68
CA TYR C 148 96.94 -3.10 -29.51
C TYR C 148 97.62 -1.77 -29.82
N ILE C 149 98.95 -1.76 -29.86
CA ILE C 149 99.73 -0.62 -30.31
C ILE C 149 100.64 -1.04 -31.46
N GLU C 150 100.63 -0.26 -32.53
CA GLU C 150 101.50 -0.51 -33.67
C GLU C 150 102.93 -0.09 -33.35
N ALA C 151 103.88 -0.94 -33.70
CA ALA C 151 105.29 -0.66 -33.52
C ALA C 151 105.99 -0.37 -34.86
N TRP C 152 106.97 0.53 -34.81
CA TRP C 152 107.73 0.99 -35.97
C TRP C 152 109.21 0.84 -35.66
N ASN C 153 110.02 0.80 -36.69
CA ASN C 153 111.45 0.65 -36.53
C ASN C 153 112.18 1.30 -37.72
N GLY C 154 113.51 1.38 -37.67
CA GLY C 154 114.30 1.96 -38.77
C GLY C 154 114.63 3.43 -38.58
N THR C 155 115.92 3.73 -38.47
CA THR C 155 116.40 5.11 -38.26
C THR C 155 116.14 5.98 -39.50
N GLY C 156 116.08 7.28 -39.32
CA GLY C 156 115.83 8.23 -40.43
C GLY C 156 114.53 9.01 -40.31
N VAL C 157 113.60 8.48 -39.51
CA VAL C 157 112.34 9.16 -39.18
C VAL C 157 112.13 8.95 -37.67
N GLY C 158 111.72 10.02 -36.98
CA GLY C 158 111.45 10.04 -35.54
C GLY C 158 110.22 10.88 -35.16
N GLY C 159 109.82 10.73 -33.89
CA GLY C 159 108.78 11.55 -33.27
C GLY C 159 107.44 10.85 -33.33
N ASN C 160 106.61 11.13 -32.33
CA ASN C 160 105.20 10.68 -32.33
C ASN C 160 104.93 9.18 -32.14
N LYS C 161 105.33 8.35 -33.09
CA LYS C 161 104.94 6.92 -33.08
C LYS C 161 105.76 6.05 -32.11
N MET C 162 105.26 4.86 -31.78
CA MET C 162 105.99 3.93 -30.90
C MET C 162 107.14 3.25 -31.65
N SER C 163 108.38 3.46 -31.19
CA SER C 163 109.54 2.80 -31.79
C SER C 163 109.83 1.52 -31.02
N SER C 164 110.29 0.49 -31.74
CA SER C 164 110.72 -0.77 -31.17
C SER C 164 112.20 -1.04 -31.49
N TYR C 165 112.95 0.04 -31.68
CA TYR C 165 114.38 -0.01 -32.00
C TYR C 165 115.21 -0.96 -31.14
N ALA C 166 115.09 -0.85 -29.82
CA ALA C 166 115.95 -1.61 -28.88
C ALA C 166 115.13 -2.19 -27.75
N ILE C 167 115.03 -3.52 -27.72
CA ILE C 167 114.12 -4.21 -26.81
C ILE C 167 114.68 -5.48 -26.13
N SER C 168 116.00 -5.55 -25.90
CA SER C 168 116.64 -6.82 -25.49
C SER C 168 116.22 -7.31 -24.11
N TYR C 169 116.08 -6.37 -23.18
CA TYR C 169 115.72 -6.64 -21.79
C TYR C 169 114.71 -5.61 -21.28
N ARG C 170 114.07 -5.99 -20.18
CA ARG C 170 113.01 -5.22 -19.58
C ARG C 170 113.54 -3.95 -18.90
N ALA C 171 112.83 -2.82 -19.08
CA ALA C 171 113.23 -1.53 -18.52
C ALA C 171 112.03 -0.72 -17.96
N GLY C 172 111.28 -1.34 -17.04
CA GLY C 172 110.12 -0.72 -16.39
C GLY C 172 108.93 -0.56 -17.31
N GLY C 173 108.33 0.63 -17.29
CA GLY C 173 107.11 0.87 -18.06
C GLY C 173 106.49 2.17 -17.65
N SER C 174 105.47 2.59 -18.36
CA SER C 174 104.78 3.84 -18.07
C SER C 174 103.31 3.71 -18.51
N ASN C 175 102.51 4.72 -18.22
CA ASN C 175 101.09 4.69 -18.54
C ASN C 175 100.71 5.44 -19.82
N THR C 176 99.69 4.94 -20.50
CA THR C 176 98.95 5.75 -21.47
C THR C 176 98.31 6.93 -20.75
N ASN C 177 97.80 7.91 -21.50
CA ASN C 177 96.96 8.96 -20.96
C ASN C 177 95.56 8.42 -20.66
N ALA C 178 94.78 9.17 -19.86
CA ALA C 178 93.40 8.77 -19.52
C ALA C 178 92.47 8.85 -20.73
N ALA C 179 91.51 7.93 -20.82
CA ALA C 179 90.46 7.96 -21.83
C ALA C 179 89.30 7.03 -21.43
N GLY C 180 88.21 7.09 -22.20
CA GLY C 180 87.14 6.12 -22.04
C GLY C 180 85.82 6.47 -21.37
N ASN C 181 85.62 7.70 -20.91
CA ASN C 181 84.31 8.16 -20.38
C ASN C 181 83.22 7.95 -21.44
N HIS C 182 82.07 7.43 -21.00
CA HIS C 182 81.00 7.03 -21.89
C HIS C 182 79.76 6.65 -21.06
N SER C 183 78.64 6.49 -21.75
CA SER C 183 77.38 6.12 -21.13
C SER C 183 76.75 5.14 -22.09
N HIS C 184 75.68 4.49 -21.64
CA HIS C 184 74.89 3.58 -22.46
C HIS C 184 73.42 3.96 -22.38
N THR C 185 72.65 3.45 -23.34
CA THR C 185 71.19 3.52 -23.25
C THR C 185 70.67 2.18 -22.76
N PHE C 186 69.47 2.21 -22.18
CA PHE C 186 68.76 0.99 -21.87
C PHE C 186 67.28 1.19 -22.20
N SER C 187 66.58 0.09 -22.47
CA SER C 187 65.11 0.07 -22.48
C SER C 187 64.61 -1.31 -22.03
N PHE C 188 63.36 -1.36 -21.56
CA PHE C 188 62.79 -2.56 -20.95
C PHE C 188 61.26 -2.53 -20.96
N GLY C 189 60.64 -3.71 -20.87
CA GLY C 189 59.26 -3.87 -20.39
C GLY C 189 59.36 -4.41 -18.97
N THR C 190 58.43 -4.05 -18.08
CA THR C 190 58.48 -4.53 -16.67
C THR C 190 57.76 -5.87 -16.49
N SER C 191 57.92 -6.48 -15.32
CA SER C 191 57.05 -7.59 -14.91
C SER C 191 55.58 -7.12 -14.79
N SER C 192 54.64 -8.07 -14.87
CA SER C 192 53.21 -7.82 -14.67
C SER C 192 52.85 -7.64 -13.21
N ALA C 193 52.08 -6.59 -12.91
CA ALA C 193 51.58 -6.35 -11.56
C ALA C 193 50.26 -5.58 -11.51
N GLY C 194 49.68 -5.50 -10.32
CA GLY C 194 48.54 -4.62 -10.06
C GLY C 194 47.11 -5.16 -10.06
N ASP C 195 46.96 -6.48 -10.18
CA ASP C 195 45.63 -7.13 -10.07
C ASP C 195 45.09 -6.93 -8.64
N HIS C 196 43.79 -6.66 -8.52
CA HIS C 196 43.21 -6.21 -7.25
C HIS C 196 41.70 -6.03 -7.41
N SER C 197 41.00 -5.93 -6.29
CA SER C 197 39.59 -5.63 -6.27
C SER C 197 39.29 -4.73 -5.10
N HIS C 198 38.05 -4.22 -5.04
CA HIS C 198 37.62 -3.29 -4.00
C HIS C 198 36.33 -3.75 -3.34
N SER C 199 36.06 -3.22 -2.15
CA SER C 199 34.78 -3.41 -1.50
C SER C 199 34.04 -2.07 -1.58
N VAL C 200 32.71 -2.13 -1.61
CA VAL C 200 31.87 -0.91 -1.59
C VAL C 200 30.70 -1.07 -0.58
N GLY C 201 30.62 -0.14 0.37
CA GLY C 201 29.51 -0.14 1.33
C GLY C 201 28.27 0.43 0.65
N ILE C 202 27.23 -0.39 0.52
CA ILE C 202 25.93 0.08 0.01
C ILE C 202 25.03 0.52 1.19
N GLY C 203 24.78 -0.41 2.12
CA GLY C 203 23.93 -0.11 3.27
C GLY C 203 22.44 -0.43 3.12
N ALA C 204 21.66 0.10 4.06
CA ALA C 204 20.27 -0.33 4.23
C ALA C 204 19.31 0.81 3.86
N HIS C 205 18.03 0.47 3.62
CA HIS C 205 16.98 1.48 3.43
C HIS C 205 15.57 0.92 3.71
N THR C 206 14.61 1.83 3.86
CA THR C 206 13.18 1.52 3.92
C THR C 206 12.48 2.46 2.93
N HIS C 207 11.21 2.21 2.65
CA HIS C 207 10.35 3.18 1.94
C HIS C 207 9.11 3.49 2.77
N THR C 208 8.38 4.51 2.34
CA THR C 208 6.99 4.70 2.78
C THR C 208 6.05 4.33 1.63
N VAL C 209 4.82 3.93 1.96
CA VAL C 209 3.79 3.71 0.93
C VAL C 209 2.43 4.30 1.34
N ALA C 210 1.88 5.17 0.49
CA ALA C 210 0.60 5.82 0.72
C ALA C 210 -0.50 4.87 0.24
N ILE C 211 -1.38 4.46 1.15
CA ILE C 211 -2.45 3.49 0.78
C ILE C 211 -3.67 4.12 0.10
N GLY C 212 -3.94 5.41 0.33
CA GLY C 212 -5.08 6.08 -0.29
C GLY C 212 -6.38 5.69 0.42
N SER C 213 -7.51 5.96 -0.22
CA SER C 213 -8.84 5.81 0.41
C SER C 213 -9.75 4.81 -0.31
N HIS C 214 -10.83 4.38 0.33
CA HIS C 214 -11.77 3.49 -0.32
C HIS C 214 -13.06 3.47 0.49
N GLY C 215 -14.12 2.89 -0.06
CA GLY C 215 -15.37 2.65 0.64
C GLY C 215 -15.98 1.36 0.11
N HIS C 216 -17.25 1.15 0.38
CA HIS C 216 -17.95 -0.09 0.00
C HIS C 216 -19.41 0.24 -0.29
N THR C 217 -20.04 -0.55 -1.14
CA THR C 217 -21.47 -0.50 -1.36
C THR C 217 -22.17 -1.29 -0.29
N ILE C 218 -23.09 -0.63 0.40
CA ILE C 218 -23.87 -1.25 1.47
C ILE C 218 -25.29 -1.60 0.99
N THR C 219 -25.67 -2.87 1.15
CA THR C 219 -27.03 -3.31 0.84
C THR C 219 -27.73 -3.72 2.14
N VAL C 220 -28.94 -3.18 2.34
CA VAL C 220 -29.80 -3.56 3.46
C VAL C 220 -30.95 -4.44 2.95
N ASN C 221 -31.19 -5.59 3.60
CA ASN C 221 -32.23 -6.50 3.13
C ASN C 221 -33.62 -6.20 3.75
N SER C 222 -34.67 -6.46 2.99
CA SER C 222 -36.04 -6.39 3.46
C SER C 222 -36.29 -7.17 4.78
N THR C 223 -37.08 -6.55 5.67
CA THR C 223 -37.66 -7.18 6.87
C THR C 223 -39.17 -6.85 6.95
N GLY C 224 -39.99 -7.83 7.34
CA GLY C 224 -41.43 -7.62 7.56
C GLY C 224 -42.32 -8.55 6.74
N ASN C 225 -43.64 -8.33 6.86
CA ASN C 225 -44.67 -9.14 6.21
C ASN C 225 -45.33 -8.44 4.99
N THR C 226 -46.09 -9.19 4.20
CA THR C 226 -46.89 -8.63 3.10
C THR C 226 -47.69 -7.36 3.47
N GLU C 227 -48.30 -7.38 4.66
CA GLU C 227 -49.08 -6.24 5.19
C GLU C 227 -48.51 -5.69 6.49
N ASN C 228 -48.76 -4.39 6.73
CA ASN C 228 -48.60 -3.78 8.06
C ASN C 228 -49.86 -4.13 8.87
N THR C 229 -49.67 -4.79 10.01
CA THR C 229 -50.80 -5.16 10.87
C THR C 229 -50.60 -4.76 12.34
N VAL C 230 -51.71 -4.57 13.04
CA VAL C 230 -51.76 -4.56 14.51
C VAL C 230 -52.51 -5.79 15.03
N LYS C 231 -52.41 -6.07 16.34
CA LYS C 231 -53.19 -7.18 16.92
C LYS C 231 -54.69 -7.02 16.64
N ASN C 232 -55.28 -8.02 15.99
CA ASN C 232 -56.68 -7.93 15.60
C ASN C 232 -57.42 -9.26 15.63
N ILE C 233 -58.74 -9.18 15.83
CA ILE C 233 -59.68 -10.29 15.67
C ILE C 233 -60.66 -10.01 14.51
N ALA C 234 -60.91 -11.02 13.66
CA ALA C 234 -61.76 -10.92 12.46
C ALA C 234 -63.26 -11.08 12.80
N PHE C 235 -64.05 -10.12 12.36
CA PHE C 235 -65.51 -10.15 12.54
C PHE C 235 -66.12 -9.90 11.17
N ASN C 236 -67.34 -10.37 10.91
CA ASN C 236 -67.98 -10.08 9.62
C ASN C 236 -68.75 -8.78 9.70
N TYR C 237 -68.30 -7.74 9.03
CA TYR C 237 -69.06 -6.46 9.03
C TYR C 237 -70.39 -6.61 8.26
N ILE C 238 -71.49 -6.25 8.92
CA ILE C 238 -72.83 -6.34 8.33
C ILE C 238 -73.60 -5.02 8.52
N VAL C 239 -74.74 -4.91 7.88
CA VAL C 239 -75.47 -3.68 7.98
C VAL C 239 -76.99 -3.95 8.00
N ARG C 240 -77.73 -3.21 8.81
CA ARG C 240 -79.21 -3.35 8.82
C ARG C 240 -79.83 -2.64 7.63
N LEU C 241 -80.72 -3.33 6.92
CA LEU C 241 -81.34 -2.83 5.68
C LEU C 241 -82.52 -1.87 5.92
N ALA C 242 -83.44 -2.26 6.80
CA ALA C 242 -84.66 -1.50 7.12
C ALA C 242 -85.04 -1.59 8.62
FE FE2 D . -36.54 -0.85 9.20
FE FE2 E . -12.88 -1.08 3.96
FE FE2 F . 13.72 -0.98 -1.78
FE FE2 G . 40.59 -0.47 -9.17
FE FE2 H . 52.20 -0.14 -12.25
FE FE2 I . 80.26 1.00 -19.60
FE FE2 J . 91.19 1.65 -22.74
C CO3 K . 85.53 -8.53 -17.01
O1 CO3 K . 85.44 -9.44 -17.95
O2 CO3 K . 86.52 -8.55 -16.17
O3 CO3 K . 84.64 -7.60 -16.88
#